data_6FSP
#
_entry.id   6FSP
#
_cell.length_a   69.860
_cell.length_b   82.160
_cell.length_c   91.390
_cell.angle_alpha   90.00
_cell.angle_beta   102.58
_cell.angle_gamma   90.00
#
_symmetry.space_group_name_H-M   'P 1 21 1'
#
_entity_poly.entity_id   1
_entity_poly.type   'polypeptide(L)'
_entity_poly.pdbx_seq_one_letter_code
;RTYPVEIAGVRRELPIVQVGPGVAVALLNLLGDTELTEAAAEALAKRLPPEVEVLVTPEVKAVPLAHALSRITGKPYVVA
RKTEKPYMINPVSRQVLSITTGKPQLLVLDGADIPRVRGKKVAIVDDVVSTGSTLAGLRELIESVGGEVVAVLAVFTEGT
PRQDVVALGHLPLF
;
_entity_poly.pdbx_strand_id   A,B,C,D,E,F
#
# COMPACT_ATOMS: atom_id res chain seq x y z
N ARG A 1 -17.49 -21.16 10.14
CA ARG A 1 -17.28 -19.82 10.80
C ARG A 1 -16.08 -19.08 10.21
N THR A 2 -14.97 -19.79 10.09
CA THR A 2 -13.73 -19.27 9.49
C THR A 2 -13.19 -20.25 8.46
N TYR A 3 -12.43 -19.72 7.52
CA TYR A 3 -11.84 -20.50 6.44
C TYR A 3 -10.33 -20.39 6.52
N PRO A 4 -9.64 -21.52 6.67
CA PRO A 4 -8.19 -21.45 6.56
C PRO A 4 -7.77 -21.37 5.09
N VAL A 5 -6.71 -20.62 4.83
CA VAL A 5 -6.03 -20.54 3.55
C VAL A 5 -4.54 -20.53 3.83
N GLU A 6 -3.72 -20.54 2.77
CA GLU A 6 -2.30 -20.20 2.89
C GLU A 6 -1.62 -19.68 1.61
N ILE A 7 -0.51 -18.97 1.84
CA ILE A 7 0.39 -18.51 0.80
C ILE A 7 1.78 -18.79 1.32
N ALA A 8 2.66 -19.23 0.43
CA ALA A 8 4.02 -19.72 0.76
C ALA A 8 4.45 -19.60 2.22
N GLY A 9 3.93 -20.50 3.05
CA GLY A 9 4.25 -20.59 4.49
C GLY A 9 3.22 -19.97 5.41
N VAL A 10 2.57 -18.90 4.90
CA VAL A 10 1.76 -17.97 5.72
C VAL A 10 0.30 -18.43 5.65
N ARG A 11 -0.18 -18.95 6.77
CA ARG A 11 -1.56 -19.42 6.90
C ARG A 11 -2.37 -18.50 7.80
N ARG A 12 -3.63 -18.31 7.45
CA ARG A 12 -4.54 -17.42 8.11
C ARG A 12 -5.93 -18.05 8.14
N GLU A 13 -6.67 -17.85 9.24
CA GLU A 13 -8.09 -18.14 9.36
C GLU A 13 -8.81 -16.85 8.98
N LEU A 14 -9.61 -16.87 7.92
CA LEU A 14 -10.25 -15.66 7.40
C LEU A 14 -11.71 -15.70 7.76
N PRO A 15 -12.24 -14.62 8.38
CA PRO A 15 -13.65 -14.58 8.81
C PRO A 15 -14.64 -14.57 7.61
N ILE A 16 -15.80 -15.18 7.80
CA ILE A 16 -16.78 -15.39 6.75
C ILE A 16 -17.91 -14.36 6.89
N VAL A 17 -17.67 -13.13 6.48
CA VAL A 17 -18.74 -12.08 6.49
C VAL A 17 -19.78 -12.36 5.38
N GLN A 18 -20.85 -11.55 5.30
CA GLN A 18 -21.75 -11.53 4.14
C GLN A 18 -21.93 -10.12 3.62
N VAL A 19 -21.99 -10.00 2.30
CA VAL A 19 -22.24 -8.71 1.65
C VAL A 19 -23.74 -8.54 1.46
N GLY A 20 -24.38 -9.54 0.84
CA GLY A 20 -25.82 -9.51 0.50
C GLY A 20 -26.62 -10.59 1.20
N PRO A 21 -27.92 -10.73 0.85
CA PRO A 21 -28.86 -11.57 1.62
C PRO A 21 -28.58 -13.06 1.54
N GLY A 22 -28.06 -13.52 0.41
CA GLY A 22 -27.63 -14.90 0.24
C GLY A 22 -26.24 -15.18 0.79
N VAL A 23 -25.24 -15.12 -0.09
CA VAL A 23 -23.91 -15.71 0.19
C VAL A 23 -23.10 -15.01 1.25
N ALA A 24 -22.11 -15.73 1.77
CA ALA A 24 -21.12 -15.19 2.70
C ALA A 24 -19.83 -14.88 1.91
N VAL A 25 -18.64 -14.94 2.54
CA VAL A 25 -17.34 -14.81 1.84
C VAL A 25 -16.26 -15.68 2.52
N ALA A 26 -15.01 -15.31 2.31
CA ALA A 26 -13.96 -15.33 3.32
C ALA A 26 -13.29 -13.97 3.15
N LEU A 27 -13.16 -13.19 4.24
CA LEU A 27 -12.66 -11.81 4.13
C LEU A 27 -11.16 -11.81 4.10
N LEU A 28 -10.61 -11.11 3.14
CA LEU A 28 -9.18 -11.00 2.96
C LEU A 28 -8.87 -9.52 2.81
N ASN A 29 -8.07 -8.97 3.71
CA ASN A 29 -7.34 -7.79 3.30
C ASN A 29 -5.91 -7.71 3.78
N LEU A 30 -5.12 -7.14 2.86
CA LEU A 30 -3.71 -6.97 3.01
C LEU A 30 -3.31 -5.72 3.80
N LEU A 31 -4.24 -4.84 4.12
CA LEU A 31 -3.91 -3.55 4.75
C LEU A 31 -2.98 -3.65 5.97
N GLY A 32 -3.44 -3.80 7.20
CA GLY A 32 -2.49 -3.93 8.34
C GLY A 32 -1.78 -5.27 8.48
N ASP A 33 -1.56 -6.01 7.37
CA ASP A 33 -0.92 -7.35 7.42
C ASP A 33 0.22 -7.39 6.40
N THR A 34 1.32 -6.79 6.83
CA THR A 34 2.62 -6.78 6.17
C THR A 34 3.08 -8.11 5.61
N GLU A 35 3.05 -9.14 6.43
CA GLU A 35 3.70 -10.42 6.12
C GLU A 35 2.99 -11.23 5.01
N LEU A 36 1.67 -11.38 5.14
CA LEU A 36 0.82 -11.93 4.14
C LEU A 36 0.95 -11.09 2.83
N THR A 37 1.17 -9.78 2.94
CA THR A 37 1.34 -8.97 1.72
C THR A 37 2.65 -9.37 1.02
N GLU A 38 3.72 -9.49 1.81
CA GLU A 38 5.04 -9.80 1.30
C GLU A 38 5.07 -11.20 0.68
N ALA A 39 4.61 -12.19 1.42
CA ALA A 39 4.47 -13.53 0.91
C ALA A 39 3.56 -13.60 -0.33
N ALA A 40 2.48 -12.83 -0.39
CA ALA A 40 1.68 -12.73 -1.62
C ALA A 40 2.47 -12.20 -2.82
N ALA A 41 3.38 -11.26 -2.58
CA ALA A 41 4.01 -10.53 -3.66
C ALA A 41 5.13 -11.33 -4.30
N GLU A 42 6.02 -11.89 -3.49
CA GLU A 42 7.08 -12.69 -4.05
C GLU A 42 6.51 -13.93 -4.82
N ALA A 43 5.47 -14.55 -4.29
CA ALA A 43 4.85 -15.72 -4.89
C ALA A 43 4.28 -15.35 -6.26
N LEU A 44 3.66 -14.18 -6.33
CA LEU A 44 3.08 -13.70 -7.60
C LEU A 44 4.16 -13.23 -8.59
N ALA A 45 5.27 -12.70 -8.08
CA ALA A 45 6.41 -12.34 -8.90
C ALA A 45 7.05 -13.52 -9.61
N LYS A 46 6.89 -14.74 -9.08
CA LYS A 46 7.34 -15.96 -9.76
C LYS A 46 6.46 -16.29 -10.96
N ARG A 47 5.21 -15.83 -10.91
CA ARG A 47 4.22 -15.98 -12.01
C ARG A 47 4.09 -14.72 -12.95
N LEU A 48 4.99 -13.73 -12.81
CA LEU A 48 5.02 -12.55 -13.72
C LEU A 48 5.87 -12.86 -14.95
N PRO A 49 5.26 -12.79 -16.17
CA PRO A 49 6.12 -12.78 -17.37
C PRO A 49 6.93 -11.49 -17.38
N PRO A 50 8.12 -11.50 -18.02
CA PRO A 50 8.96 -10.28 -18.04
C PRO A 50 8.45 -9.25 -19.04
N GLU A 51 7.54 -9.67 -19.90
CA GLU A 51 7.01 -8.80 -20.92
C GLU A 51 6.10 -7.68 -20.32
N VAL A 52 5.45 -7.94 -19.19
CA VAL A 52 4.72 -6.91 -18.43
C VAL A 52 5.68 -5.81 -17.95
N GLU A 53 5.40 -4.57 -18.33
CA GLU A 53 6.29 -3.45 -18.02
C GLU A 53 5.76 -2.54 -16.91
N VAL A 54 4.47 -2.66 -16.57
CA VAL A 54 3.82 -1.82 -15.58
C VAL A 54 2.66 -2.60 -14.91
N LEU A 55 2.36 -2.23 -13.65
CA LEU A 55 1.31 -2.88 -12.81
C LEU A 55 0.19 -1.91 -12.47
N VAL A 56 -1.05 -2.27 -12.78
CA VAL A 56 -2.22 -1.40 -12.45
C VAL A 56 -3.10 -2.00 -11.37
N THR A 57 -3.29 -1.28 -10.25
CA THR A 57 -4.29 -1.67 -9.26
C THR A 57 -5.47 -0.68 -9.20
N PRO A 58 -6.72 -1.19 -9.06
CA PRO A 58 -7.92 -0.39 -8.71
C PRO A 58 -8.14 -0.35 -7.16
N GLU A 59 -8.56 0.80 -6.61
CA GLU A 59 -8.32 1.23 -5.17
C GLU A 59 -7.71 0.26 -4.09
N VAL A 60 -7.19 0.88 -3.03
CA VAL A 60 -7.04 0.31 -1.69
C VAL A 60 -8.12 -0.76 -1.49
N LYS A 61 -7.78 -1.96 -1.04
CA LYS A 61 -6.63 -2.28 -0.22
C LYS A 61 -5.63 -3.27 -0.84
N ALA A 62 -5.61 -3.36 -2.17
CA ALA A 62 -4.55 -4.02 -2.91
C ALA A 62 -3.25 -3.20 -3.08
N VAL A 63 -3.17 -1.94 -2.64
CA VAL A 63 -1.97 -1.14 -2.90
C VAL A 63 -0.70 -1.66 -2.18
N PRO A 64 -0.83 -2.29 -1.01
CA PRO A 64 0.38 -2.91 -0.45
C PRO A 64 0.92 -4.09 -1.27
N LEU A 65 0.05 -4.86 -1.90
CA LEU A 65 0.53 -5.89 -2.80
C LEU A 65 1.15 -5.27 -4.05
N ALA A 66 0.56 -4.16 -4.55
CA ALA A 66 1.11 -3.47 -5.71
C ALA A 66 2.45 -2.80 -5.37
N HIS A 67 2.51 -2.14 -4.20
CA HIS A 67 3.76 -1.51 -3.81
C HIS A 67 4.87 -2.56 -3.73
N ALA A 68 4.59 -3.68 -3.08
CA ALA A 68 5.62 -4.69 -2.84
C ALA A 68 6.04 -5.43 -4.13
N LEU A 69 5.06 -5.79 -4.92
CA LEU A 69 5.34 -6.43 -6.20
C LEU A 69 6.20 -5.55 -7.07
N SER A 70 5.88 -4.26 -7.21
CA SER A 70 6.81 -3.28 -7.85
C SER A 70 8.25 -3.29 -7.34
N ARG A 71 8.45 -3.35 -6.03
CA ARG A 71 9.79 -3.27 -5.48
C ARG A 71 10.61 -4.52 -5.82
N ILE A 72 10.07 -5.70 -5.48
CA ILE A 72 10.77 -6.98 -5.73
C ILE A 72 11.06 -7.21 -7.23
N THR A 73 10.21 -6.66 -8.08
CA THR A 73 10.24 -6.91 -9.52
C THR A 73 10.91 -5.72 -10.27
N GLY A 74 10.80 -4.50 -9.70
CA GLY A 74 11.41 -3.27 -10.21
C GLY A 74 10.57 -2.41 -11.11
N LYS A 75 9.36 -2.83 -11.43
CA LYS A 75 8.56 -2.10 -12.41
C LYS A 75 7.44 -1.28 -11.81
N PRO A 76 7.01 -0.24 -12.51
CA PRO A 76 6.13 0.72 -11.84
C PRO A 76 4.77 0.17 -11.52
N TYR A 77 4.06 0.86 -10.61
CA TYR A 77 2.69 0.56 -10.35
C TYR A 77 1.85 1.83 -10.31
N VAL A 78 0.60 1.64 -10.73
CA VAL A 78 -0.37 2.67 -10.97
C VAL A 78 -1.62 2.34 -10.18
N VAL A 79 -2.16 3.28 -9.41
CA VAL A 79 -3.39 3.13 -8.62
C VAL A 79 -4.62 3.86 -9.21
N ALA A 80 -5.46 3.11 -9.91
CA ALA A 80 -6.75 3.66 -10.36
C ALA A 80 -7.68 3.83 -9.16
N ARG A 81 -8.55 4.83 -9.18
CA ARG A 81 -9.43 5.13 -8.03
C ARG A 81 -10.93 5.04 -8.36
N LYS A 82 -11.77 5.10 -7.33
CA LYS A 82 -13.23 5.03 -7.48
C LYS A 82 -13.83 6.39 -7.81
N THR A 83 -13.10 7.48 -7.55
CA THR A 83 -13.56 8.84 -7.88
C THR A 83 -12.45 9.71 -8.47
N GLU A 84 -12.81 10.86 -9.04
CA GLU A 84 -11.88 11.96 -9.28
C GLU A 84 -11.31 12.40 -7.92
N LYS A 85 -10.15 11.86 -7.58
CA LYS A 85 -9.53 12.13 -6.29
C LYS A 85 -8.64 13.36 -6.45
N PRO A 86 -8.60 14.25 -5.46
CA PRO A 86 -7.85 15.51 -5.61
C PRO A 86 -6.31 15.33 -5.69
N TYR A 87 -5.54 16.36 -6.02
CA TYR A 87 -6.02 17.70 -6.35
C TYR A 87 -6.05 17.78 -7.86
N MET A 88 -7.20 17.37 -8.44
CA MET A 88 -7.23 16.83 -9.79
C MET A 88 -8.18 17.53 -10.78
N ILE A 89 -8.55 18.78 -10.45
CA ILE A 89 -9.04 19.74 -11.45
C ILE A 89 -8.24 21.03 -11.21
N ASN A 90 -6.91 20.91 -11.41
CA ASN A 90 -5.95 21.97 -11.06
C ASN A 90 -4.62 21.82 -11.85
N PRO A 91 -3.66 22.75 -11.65
CA PRO A 91 -2.30 22.62 -12.22
C PRO A 91 -1.49 21.36 -11.82
N VAL A 92 -1.85 20.70 -10.71
CA VAL A 92 -1.24 19.40 -10.33
C VAL A 92 -1.77 18.32 -11.28
N SER A 93 -2.78 17.56 -10.84
CA SER A 93 -3.37 16.52 -11.67
C SER A 93 -4.57 17.17 -12.33
N ARG A 94 -4.87 16.71 -13.54
CA ARG A 94 -6.05 17.15 -14.27
C ARG A 94 -6.30 16.03 -15.26
N GLN A 95 -7.55 15.93 -15.68
CA GLN A 95 -7.94 15.25 -16.89
C GLN A 95 -7.85 13.78 -16.58
N VAL A 96 -8.74 13.40 -15.67
CA VAL A 96 -8.90 12.03 -15.26
C VAL A 96 -9.58 11.27 -16.39
N LEU A 97 -9.32 9.97 -16.45
CA LEU A 97 -9.99 9.12 -17.43
C LEU A 97 -10.98 8.23 -16.71
N SER A 98 -12.27 8.57 -16.85
CA SER A 98 -13.37 7.84 -16.19
C SER A 98 -13.92 6.70 -17.05
N ILE A 99 -14.65 5.81 -16.40
CA ILE A 99 -15.48 4.81 -17.09
C ILE A 99 -16.51 4.29 -16.11
N THR A 100 -17.71 3.95 -16.60
CA THR A 100 -18.71 3.16 -15.86
C THR A 100 -18.15 1.82 -15.36
N THR A 101 -18.96 1.16 -14.53
CA THR A 101 -18.65 -0.16 -14.02
C THR A 101 -19.96 -0.98 -14.04
N GLY A 102 -20.81 -0.79 -13.04
CA GLY A 102 -21.96 -1.68 -12.77
C GLY A 102 -21.47 -2.96 -12.12
N LYS A 103 -21.17 -2.98 -10.81
CA LYS A 103 -21.70 -2.09 -9.71
C LYS A 103 -21.72 -0.53 -9.83
N PRO A 104 -22.66 0.17 -9.11
CA PRO A 104 -22.86 1.61 -9.36
C PRO A 104 -21.65 2.50 -8.95
N GLN A 105 -20.73 2.76 -9.90
CA GLN A 105 -19.31 3.06 -9.60
C GLN A 105 -18.53 3.76 -10.75
N LEU A 106 -17.45 4.45 -10.40
CA LEU A 106 -16.51 5.05 -11.37
C LEU A 106 -15.12 4.42 -11.16
N LEU A 107 -14.35 4.24 -12.24
CA LEU A 107 -12.96 3.81 -12.17
C LEU A 107 -12.15 4.90 -12.85
N VAL A 108 -11.23 5.54 -12.15
CA VAL A 108 -10.51 6.69 -12.69
C VAL A 108 -8.99 6.50 -12.68
N LEU A 109 -8.38 6.84 -13.82
CA LEU A 109 -6.94 6.95 -13.95
C LEU A 109 -6.60 8.44 -14.00
N ASP A 110 -5.89 8.88 -12.99
CA ASP A 110 -5.16 10.14 -13.00
C ASP A 110 -4.50 10.36 -14.40
N GLY A 111 -4.51 11.64 -14.83
CA GLY A 111 -4.01 12.03 -16.12
C GLY A 111 -2.53 11.74 -16.18
N ALA A 112 -1.79 12.12 -15.14
CA ALA A 112 -0.33 11.82 -15.10
C ALA A 112 0.11 10.34 -15.07
N ASP A 113 -0.83 9.38 -15.06
CA ASP A 113 -0.55 7.95 -15.16
C ASP A 113 -0.93 7.34 -16.51
N ILE A 114 -1.48 8.12 -17.45
CA ILE A 114 -1.55 7.60 -18.84
C ILE A 114 -0.13 7.35 -19.46
N PRO A 115 0.88 8.24 -19.19
CA PRO A 115 2.23 8.02 -19.72
C PRO A 115 2.89 6.73 -19.19
N ARG A 116 2.60 6.42 -17.91
CA ARG A 116 3.04 5.19 -17.28
C ARG A 116 2.38 3.95 -17.88
N VAL A 117 1.27 4.14 -18.60
CA VAL A 117 0.50 3.07 -19.22
C VAL A 117 0.59 2.98 -20.76
N ARG A 118 0.66 4.16 -21.42
CA ARG A 118 0.50 4.33 -22.87
C ARG A 118 1.68 3.70 -23.56
N GLY A 119 1.39 2.86 -24.54
CA GLY A 119 2.44 2.06 -25.19
C GLY A 119 2.88 0.80 -24.46
N LYS A 120 2.36 0.55 -23.28
CA LYS A 120 3.00 -0.44 -22.45
C LYS A 120 2.19 -1.70 -22.27
N LYS A 121 2.87 -2.73 -21.84
CA LYS A 121 2.28 -4.00 -21.52
C LYS A 121 1.96 -3.94 -20.05
N VAL A 122 0.72 -4.28 -19.68
CA VAL A 122 0.14 -3.98 -18.37
C VAL A 122 -0.39 -5.23 -17.70
N ALA A 123 -0.10 -5.39 -16.42
CA ALA A 123 -0.70 -6.44 -15.58
C ALA A 123 -1.62 -5.77 -14.57
N ILE A 124 -2.92 -6.04 -14.61
CA ILE A 124 -3.86 -5.67 -13.56
C ILE A 124 -3.41 -6.44 -12.30
N VAL A 125 -3.34 -5.78 -11.15
CA VAL A 125 -3.08 -6.46 -9.86
C VAL A 125 -4.24 -6.10 -8.92
N ASP A 126 -4.75 -7.11 -8.24
CA ASP A 126 -5.92 -6.97 -7.44
C ASP A 126 -5.71 -7.95 -6.26
N ASP A 127 -6.55 -7.83 -5.22
CA ASP A 127 -6.48 -8.74 -4.07
C ASP A 127 -7.24 -10.06 -4.29
N VAL A 128 -8.51 -9.93 -4.64
CA VAL A 128 -9.42 -11.02 -4.89
C VAL A 128 -10.09 -10.67 -6.20
N VAL A 129 -10.22 -11.61 -7.12
CA VAL A 129 -10.95 -11.42 -8.39
C VAL A 129 -12.33 -12.04 -8.15
N SER A 130 -13.28 -11.19 -7.78
CA SER A 130 -14.60 -11.66 -7.30
C SER A 130 -15.44 -12.14 -8.48
N THR A 131 -16.14 -11.21 -9.12
CA THR A 131 -16.71 -11.44 -10.47
C THR A 131 -15.67 -10.98 -11.51
N GLY A 132 -15.27 -9.71 -11.35
CA GLY A 132 -14.68 -8.89 -12.39
C GLY A 132 -15.62 -7.80 -12.90
N SER A 133 -16.54 -7.32 -12.04
CA SER A 133 -17.42 -6.21 -12.44
C SER A 133 -16.61 -4.91 -12.49
N THR A 134 -15.59 -4.81 -11.63
CA THR A 134 -14.58 -3.76 -11.67
C THR A 134 -13.27 -4.32 -12.28
N LEU A 135 -13.34 -4.87 -13.51
CA LEU A 135 -12.16 -5.47 -14.21
C LEU A 135 -12.15 -5.27 -15.74
N ALA A 136 -13.27 -5.58 -16.39
CA ALA A 136 -13.38 -5.42 -17.86
C ALA A 136 -13.48 -3.95 -18.23
N GLY A 137 -14.06 -3.18 -17.32
CA GLY A 137 -13.98 -1.72 -17.37
C GLY A 137 -12.56 -1.28 -17.23
N LEU A 138 -11.85 -1.80 -16.22
CA LEU A 138 -10.41 -1.52 -16.05
C LEU A 138 -9.65 -1.73 -17.37
N ARG A 139 -9.83 -2.91 -17.95
CA ARG A 139 -9.26 -3.21 -19.28
C ARG A 139 -9.54 -2.11 -20.30
N GLU A 140 -10.79 -1.62 -20.36
CA GLU A 140 -11.24 -0.57 -21.27
C GLU A 140 -11.01 0.88 -20.78
N LEU A 141 -10.16 1.06 -19.80
CA LEU A 141 -9.43 2.31 -19.63
C LEU A 141 -8.01 2.10 -20.10
N ILE A 142 -7.40 0.98 -19.70
CA ILE A 142 -6.02 0.64 -20.09
C ILE A 142 -5.92 0.68 -21.61
N GLU A 143 -6.79 -0.10 -22.23
CA GLU A 143 -6.94 -0.13 -23.66
C GLU A 143 -7.20 1.24 -24.27
N SER A 144 -7.99 2.09 -23.63
CA SER A 144 -8.22 3.46 -24.15
C SER A 144 -6.95 4.30 -24.18
N VAL A 145 -6.29 4.31 -23.03
CA VAL A 145 -5.07 5.10 -22.81
C VAL A 145 -3.98 4.80 -23.82
N GLY A 146 -3.80 3.51 -24.07
CA GLY A 146 -2.66 3.02 -24.83
C GLY A 146 -2.12 1.70 -24.38
N GLY A 147 -2.38 1.29 -23.14
CA GLY A 147 -1.87 0.03 -22.63
C GLY A 147 -2.58 -1.14 -23.24
N GLU A 148 -1.95 -2.31 -23.20
CA GLU A 148 -2.54 -3.56 -23.65
C GLU A 148 -2.39 -4.61 -22.50
N VAL A 149 -3.52 -5.05 -21.92
CA VAL A 149 -3.53 -5.94 -20.74
C VAL A 149 -3.12 -7.35 -21.10
N VAL A 150 -2.06 -7.85 -20.45
CA VAL A 150 -1.57 -9.18 -20.76
C VAL A 150 -1.56 -10.14 -19.56
N ALA A 151 -2.18 -9.76 -18.42
CA ALA A 151 -2.11 -10.53 -17.17
C ALA A 151 -3.00 -9.98 -16.03
N VAL A 152 -3.85 -10.85 -15.47
CA VAL A 152 -4.54 -10.54 -14.22
C VAL A 152 -3.94 -11.37 -13.10
N LEU A 153 -3.54 -10.68 -12.01
CA LEU A 153 -2.96 -11.31 -10.87
C LEU A 153 -3.76 -10.96 -9.67
N ALA A 154 -4.29 -11.96 -8.99
CA ALA A 154 -4.91 -11.72 -7.66
C ALA A 154 -4.38 -12.73 -6.70
N VAL A 155 -4.43 -12.41 -5.41
CA VAL A 155 -4.21 -13.42 -4.39
C VAL A 155 -5.24 -14.53 -4.60
N PHE A 156 -6.50 -14.17 -4.89
CA PHE A 156 -7.62 -15.11 -4.90
C PHE A 156 -8.70 -14.87 -6.01
N THR A 157 -9.46 -15.95 -6.28
CA THR A 157 -10.57 -16.03 -7.23
C THR A 157 -11.81 -16.45 -6.47
N GLU A 158 -12.99 -16.45 -7.13
CA GLU A 158 -14.30 -16.95 -6.53
C GLU A 158 -15.03 -18.12 -7.28
N GLY A 159 -14.94 -18.22 -8.61
CA GLY A 159 -15.54 -19.37 -9.37
C GLY A 159 -14.53 -19.97 -10.34
N THR A 160 -14.18 -19.16 -11.29
CA THR A 160 -12.97 -19.28 -12.08
C THR A 160 -13.06 -18.02 -12.91
N PRO A 161 -11.91 -17.48 -13.31
CA PRO A 161 -11.81 -16.14 -13.82
C PRO A 161 -13.11 -15.44 -14.32
N ARG A 162 -13.66 -15.86 -15.49
CA ARG A 162 -14.56 -15.11 -16.43
C ARG A 162 -13.65 -14.44 -17.46
N GLN A 163 -12.56 -13.83 -16.97
CA GLN A 163 -11.46 -13.29 -17.77
C GLN A 163 -10.20 -13.86 -17.11
N ASP A 164 -9.26 -14.41 -17.88
CA ASP A 164 -8.33 -15.42 -17.33
C ASP A 164 -7.29 -14.87 -16.37
N VAL A 165 -7.24 -15.43 -15.17
CA VAL A 165 -6.55 -14.85 -14.02
C VAL A 165 -5.52 -15.83 -13.49
N VAL A 166 -4.26 -15.41 -13.44
CA VAL A 166 -3.23 -16.12 -12.64
C VAL A 166 -3.38 -15.76 -11.13
N ALA A 167 -3.90 -16.68 -10.34
CA ALA A 167 -4.26 -16.40 -8.92
C ALA A 167 -3.75 -17.44 -7.98
N LEU A 168 -3.33 -17.00 -6.81
CA LEU A 168 -2.70 -17.88 -5.83
C LEU A 168 -3.61 -18.92 -5.15
N GLY A 169 -4.91 -18.73 -5.18
CA GLY A 169 -5.80 -19.76 -4.69
C GLY A 169 -7.24 -19.47 -4.97
N HIS A 170 -8.17 -20.17 -4.31
CA HIS A 170 -9.60 -20.01 -4.62
C HIS A 170 -10.55 -20.12 -3.41
N LEU A 171 -11.64 -19.36 -3.47
CA LEU A 171 -12.47 -19.03 -2.30
C LEU A 171 -13.90 -19.35 -2.59
N PRO A 172 -14.53 -20.18 -1.73
CA PRO A 172 -15.92 -20.63 -1.94
C PRO A 172 -16.95 -19.60 -1.45
N LEU A 173 -18.20 -20.02 -1.25
CA LEU A 173 -19.25 -19.21 -0.59
C LEU A 173 -19.66 -19.90 0.72
N PHE A 174 -19.95 -19.10 1.75
CA PHE A 174 -20.17 -19.60 3.12
C PHE A 174 -18.96 -20.50 3.51
N ARG B 1 4.16 27.07 -10.42
CA ARG B 1 4.45 25.93 -11.36
C ARG B 1 4.72 24.62 -10.59
N THR B 2 5.80 24.57 -9.80
CA THR B 2 6.30 23.33 -9.19
C THR B 2 7.44 23.60 -8.20
N TYR B 3 7.52 22.80 -7.14
CA TYR B 3 8.52 22.98 -6.07
C TYR B 3 9.50 21.79 -5.94
N PRO B 4 10.83 22.07 -6.00
CA PRO B 4 11.85 21.04 -5.81
C PRO B 4 12.01 20.62 -4.36
N VAL B 5 12.57 19.42 -4.18
CA VAL B 5 12.99 18.90 -2.87
C VAL B 5 13.95 17.75 -3.16
N GLU B 6 14.71 17.34 -2.14
CA GLU B 6 15.29 15.99 -2.13
C GLU B 6 15.13 15.31 -0.78
N ILE B 7 14.84 14.01 -0.85
CA ILE B 7 14.53 13.18 0.30
C ILE B 7 15.44 11.96 0.20
N ALA B 8 16.39 11.91 1.13
CA ALA B 8 17.26 10.75 1.35
C ALA B 8 17.85 10.18 0.06
N GLY B 9 18.42 11.11 -0.74
CA GLY B 9 19.14 10.79 -2.01
C GLY B 9 18.24 10.49 -3.18
N VAL B 10 17.12 11.22 -3.29
CA VAL B 10 16.10 11.07 -4.33
C VAL B 10 15.64 12.45 -4.61
N ARG B 11 15.66 12.86 -5.87
CA ARG B 11 15.27 14.22 -6.23
C ARG B 11 13.88 14.21 -6.86
N ARG B 12 13.06 15.20 -6.54
CA ARG B 12 11.71 15.27 -7.04
C ARG B 12 11.37 16.73 -7.20
N GLU B 13 10.50 17.04 -8.16
CA GLU B 13 10.01 18.40 -8.36
C GLU B 13 8.50 18.29 -8.31
N LEU B 14 7.89 18.77 -7.21
CA LEU B 14 6.50 18.47 -6.84
C LEU B 14 5.56 19.62 -7.11
N PRO B 15 4.43 19.35 -7.78
CA PRO B 15 3.55 20.42 -8.26
C PRO B 15 2.69 21.13 -7.19
N ILE B 16 2.16 22.29 -7.56
CA ILE B 16 1.56 23.26 -6.65
C ILE B 16 0.05 23.33 -6.82
N VAL B 17 -0.68 23.66 -5.74
CA VAL B 17 -2.16 23.73 -5.81
C VAL B 17 -2.81 24.64 -4.77
N GLN B 18 -4.05 25.02 -5.06
CA GLN B 18 -4.95 25.74 -4.13
C GLN B 18 -5.48 24.85 -2.98
N VAL B 19 -4.68 24.66 -1.93
CA VAL B 19 -5.19 24.04 -0.70
C VAL B 19 -5.96 25.15 0.04
N GLY B 20 -5.23 26.11 0.61
CA GLY B 20 -5.78 27.43 0.93
C GLY B 20 -5.81 28.19 -0.38
N PRO B 21 -6.61 29.27 -0.45
CA PRO B 21 -6.84 29.96 -1.74
C PRO B 21 -5.55 30.39 -2.46
N GLY B 22 -4.82 31.37 -1.92
CA GLY B 22 -3.62 31.88 -2.60
C GLY B 22 -2.38 31.08 -2.26
N VAL B 23 -2.19 30.88 -0.94
CA VAL B 23 -1.20 29.96 -0.36
C VAL B 23 -1.15 28.61 -1.10
N ALA B 24 -0.15 28.49 -1.99
CA ALA B 24 -0.10 27.41 -2.98
C ALA B 24 0.77 26.26 -2.46
N VAL B 25 0.18 25.08 -2.30
CA VAL B 25 0.81 23.97 -1.57
C VAL B 25 1.46 22.89 -2.47
N ALA B 26 2.70 22.54 -2.14
CA ALA B 26 3.40 21.40 -2.71
C ALA B 26 2.59 20.08 -2.50
N LEU B 27 2.54 19.24 -3.53
CA LEU B 27 1.71 18.00 -3.51
C LEU B 27 2.59 16.76 -3.51
N LEU B 28 2.42 15.94 -2.50
CA LEU B 28 3.26 14.78 -2.28
C LEU B 28 2.41 13.55 -2.29
N ASN B 29 2.70 12.69 -3.24
CA ASN B 29 1.84 11.62 -3.71
C ASN B 29 2.75 10.42 -3.77
N LEU B 30 2.78 9.65 -2.68
CA LEU B 30 3.62 8.46 -2.62
C LEU B 30 2.95 7.27 -3.27
N LEU B 31 1.71 7.42 -3.74
CA LEU B 31 1.09 6.37 -4.56
C LEU B 31 1.84 6.26 -5.84
N GLY B 32 2.02 5.05 -6.29
CA GLY B 32 2.75 4.81 -7.50
C GLY B 32 4.24 5.10 -7.54
N ASP B 33 4.78 5.84 -6.58
CA ASP B 33 6.20 6.15 -6.52
C ASP B 33 6.92 5.31 -5.43
N THR B 34 7.16 4.05 -5.78
CA THR B 34 7.94 3.13 -4.96
C THR B 34 9.35 3.62 -4.50
N GLU B 35 10.11 4.35 -5.33
CA GLU B 35 11.50 4.77 -4.97
C GLU B 35 11.54 5.90 -3.91
N LEU B 36 10.73 6.96 -4.10
CA LEU B 36 10.59 8.02 -3.11
C LEU B 36 10.02 7.40 -1.85
N THR B 37 9.00 6.56 -2.01
CA THR B 37 8.42 5.79 -0.87
C THR B 37 9.44 4.99 -0.06
N GLU B 38 10.20 4.16 -0.73
CA GLU B 38 11.11 3.25 -0.03
C GLU B 38 12.37 3.95 0.50
N ALA B 39 12.75 5.06 -0.13
CA ALA B 39 13.88 5.87 0.33
C ALA B 39 13.51 6.61 1.60
N ALA B 40 12.31 7.19 1.62
CA ALA B 40 11.71 7.75 2.87
C ALA B 40 11.57 6.72 3.96
N ALA B 41 10.96 5.57 3.68
CA ALA B 41 10.76 4.58 4.74
C ALA B 41 12.07 4.22 5.50
N GLU B 42 13.18 4.10 4.80
CA GLU B 42 14.46 3.65 5.39
C GLU B 42 15.06 4.69 6.34
N ALA B 43 14.99 5.96 5.92
CA ALA B 43 15.56 7.11 6.65
C ALA B 43 14.64 7.61 7.77
N LEU B 44 13.40 7.16 7.79
CA LEU B 44 12.49 7.38 8.90
C LEU B 44 12.51 6.19 9.87
N ALA B 45 12.81 5.00 9.39
CA ALA B 45 12.99 3.82 10.26
C ALA B 45 14.19 3.91 11.22
N LYS B 46 15.28 4.56 10.80
CA LYS B 46 16.43 4.86 11.69
C LYS B 46 16.09 5.93 12.78
N ARG B 47 15.20 6.86 12.44
CA ARG B 47 14.71 7.86 13.42
C ARG B 47 13.73 7.33 14.52
N LEU B 48 13.24 6.10 14.36
CA LEU B 48 12.12 5.53 15.13
C LEU B 48 12.49 5.22 16.57
N PRO B 49 11.67 5.67 17.54
CA PRO B 49 11.93 5.29 18.91
C PRO B 49 11.62 3.82 19.10
N PRO B 50 12.51 3.06 19.71
CA PRO B 50 12.40 1.60 19.65
C PRO B 50 11.20 1.02 20.40
N GLU B 51 10.78 1.72 21.44
CA GLU B 51 9.60 1.35 22.26
C GLU B 51 8.22 1.70 21.62
N VAL B 52 8.22 2.25 20.39
CA VAL B 52 7.04 2.26 19.51
C VAL B 52 6.73 0.82 19.10
N GLU B 53 5.45 0.41 19.18
CA GLU B 53 5.08 -1.03 18.98
C GLU B 53 4.16 -1.23 17.77
N VAL B 54 3.64 -0.13 17.23
CA VAL B 54 2.64 -0.17 16.18
C VAL B 54 2.55 1.19 15.52
N LEU B 55 2.28 1.15 14.22
CA LEU B 55 2.17 2.31 13.40
C LEU B 55 0.69 2.49 13.00
N VAL B 56 0.29 3.76 12.90
CA VAL B 56 -1.05 4.12 12.49
C VAL B 56 -0.98 5.25 11.50
N THR B 57 -1.73 5.13 10.43
CA THR B 57 -1.74 6.17 9.44
C THR B 57 -3.19 6.45 9.12
N PRO B 58 -3.50 7.75 8.82
CA PRO B 58 -4.77 8.05 8.08
C PRO B 58 -4.71 7.47 6.67
N GLU B 59 -5.60 7.81 5.74
CA GLU B 59 -5.72 7.03 4.45
C GLU B 59 -4.43 7.05 3.55
N VAL B 60 -4.50 6.45 2.36
CA VAL B 60 -3.48 6.72 1.35
C VAL B 60 -3.42 8.25 1.15
N LYS B 61 -2.22 8.81 0.98
CA LYS B 61 -1.12 8.20 0.29
C LYS B 61 0.04 7.69 1.19
N ALA B 62 -0.24 7.34 2.46
CA ALA B 62 0.78 6.81 3.36
C ALA B 62 0.81 5.28 3.62
N VAL B 63 -0.12 4.48 3.05
CA VAL B 63 -0.02 3.03 3.25
C VAL B 63 1.14 2.41 2.48
N PRO B 64 1.59 3.01 1.35
CA PRO B 64 2.94 2.60 0.89
C PRO B 64 3.95 2.89 1.98
N LEU B 65 3.96 4.12 2.51
CA LEU B 65 4.92 4.55 3.52
C LEU B 65 4.88 3.58 4.68
N ALA B 66 3.69 3.35 5.18
CA ALA B 66 3.51 2.61 6.44
C ALA B 66 3.84 1.11 6.33
N HIS B 67 3.25 0.38 5.36
CA HIS B 67 3.66 -1.03 5.05
C HIS B 67 5.18 -1.22 4.93
N ALA B 68 5.78 -0.37 4.11
CA ALA B 68 7.22 -0.34 3.97
C ALA B 68 7.83 -0.20 5.32
N LEU B 69 7.37 0.77 6.09
CA LEU B 69 7.95 0.94 7.43
C LEU B 69 7.67 -0.26 8.36
N SER B 70 6.50 -0.90 8.25
CA SER B 70 6.32 -2.21 8.91
C SER B 70 7.33 -3.25 8.53
N ARG B 71 7.62 -3.34 7.22
CA ARG B 71 8.58 -4.35 6.66
C ARG B 71 9.92 -4.21 7.32
N ILE B 72 10.46 -2.99 7.31
CA ILE B 72 11.87 -2.77 7.67
C ILE B 72 12.06 -2.64 9.18
N THR B 73 11.05 -2.13 9.86
CA THR B 73 11.01 -2.08 11.34
C THR B 73 10.53 -3.40 11.95
N GLY B 74 9.76 -4.19 11.21
CA GLY B 74 9.26 -5.46 11.74
C GLY B 74 8.17 -5.34 12.83
N LYS B 75 7.32 -4.33 12.73
CA LYS B 75 6.25 -4.18 13.63
C LYS B 75 4.99 -3.72 12.93
N PRO B 76 3.81 -4.10 13.48
CA PRO B 76 2.59 -3.96 12.73
C PRO B 76 2.30 -2.56 12.37
N TYR B 77 1.39 -2.37 11.43
CA TYR B 77 0.78 -1.06 11.16
C TYR B 77 -0.73 -1.22 11.07
N VAL B 78 -1.47 -0.12 11.20
CA VAL B 78 -2.94 -0.08 11.23
C VAL B 78 -3.34 1.09 10.37
N VAL B 79 -4.54 1.07 9.79
CA VAL B 79 -4.92 2.08 8.79
C VAL B 79 -6.30 2.65 9.06
N ALA B 80 -6.35 3.90 9.55
CA ALA B 80 -7.60 4.57 9.69
C ALA B 80 -8.08 4.97 8.28
N ARG B 81 -9.39 5.15 8.12
CA ARG B 81 -10.02 5.54 6.86
C ARG B 81 -10.92 6.74 7.04
N LYS B 82 -11.24 7.42 5.94
CA LYS B 82 -12.09 8.59 6.00
C LYS B 82 -13.58 8.15 6.15
N THR B 83 -13.94 6.91 5.81
CA THR B 83 -15.28 6.40 6.10
C THR B 83 -15.31 4.98 6.64
N GLU B 84 -16.37 4.63 7.37
CA GLU B 84 -16.72 3.23 7.66
C GLU B 84 -16.74 2.53 6.29
N LYS B 85 -16.08 1.39 6.18
CA LYS B 85 -15.71 0.85 4.88
C LYS B 85 -16.41 -0.49 4.67
N PRO B 86 -16.78 -0.88 3.40
CA PRO B 86 -17.65 -2.05 3.22
C PRO B 86 -17.09 -3.28 3.90
N TYR B 87 -18.01 -3.99 4.53
CA TYR B 87 -17.88 -4.75 5.78
C TYR B 87 -18.47 -3.89 6.94
N MET B 88 -18.49 -2.59 6.69
CA MET B 88 -19.56 -1.61 7.02
C MET B 88 -20.74 -2.05 7.88
N ILE B 89 -21.69 -2.77 7.25
CA ILE B 89 -23.07 -2.94 7.77
C ILE B 89 -23.29 -4.33 8.39
N ASN B 90 -22.79 -5.37 7.71
CA ASN B 90 -22.73 -6.72 8.29
C ASN B 90 -21.39 -6.81 9.05
N PRO B 91 -21.41 -6.79 10.42
CA PRO B 91 -20.17 -6.56 11.20
C PRO B 91 -19.14 -7.74 11.28
N VAL B 92 -18.05 -7.63 10.54
CA VAL B 92 -16.82 -8.48 10.71
C VAL B 92 -15.59 -7.58 10.82
N SER B 93 -15.46 -6.65 9.87
CA SER B 93 -14.81 -5.38 10.16
C SER B 93 -15.91 -4.67 10.94
N ARG B 94 -15.89 -4.95 12.23
CA ARG B 94 -17.04 -4.69 13.08
C ARG B 94 -16.85 -3.49 13.92
N GLN B 95 -17.99 -3.02 14.44
CA GLN B 95 -18.01 -2.01 15.49
C GLN B 95 -16.82 -1.06 15.35
N VAL B 96 -16.90 -0.30 14.26
CA VAL B 96 -15.90 0.64 13.90
C VAL B 96 -16.12 1.82 14.80
N LEU B 97 -15.01 2.40 15.26
CA LEU B 97 -15.01 3.59 16.06
C LEU B 97 -14.74 4.78 15.14
N SER B 98 -15.49 5.86 15.33
CA SER B 98 -15.31 7.10 14.58
C SER B 98 -15.02 8.33 15.44
N ILE B 99 -14.31 9.30 14.87
CA ILE B 99 -14.35 10.68 15.35
C ILE B 99 -14.46 11.63 14.14
N THR B 100 -15.28 12.70 14.31
CA THR B 100 -15.30 13.83 13.38
C THR B 100 -14.00 14.65 13.50
N THR B 101 -13.73 15.45 12.50
CA THR B 101 -12.64 16.44 12.53
C THR B 101 -13.12 17.64 11.72
N GLY B 102 -12.90 18.84 12.26
CA GLY B 102 -13.48 20.11 11.74
C GLY B 102 -13.03 20.67 10.38
N LYS B 103 -12.22 19.93 9.62
CA LYS B 103 -12.00 20.19 8.18
C LYS B 103 -12.63 18.99 7.39
N PRO B 104 -13.93 19.11 7.00
CA PRO B 104 -14.96 18.05 6.88
C PRO B 104 -14.45 16.59 6.75
N GLN B 105 -14.41 15.86 7.88
CA GLN B 105 -13.89 14.49 7.88
C GLN B 105 -14.34 13.58 9.09
N LEU B 106 -14.78 12.38 8.76
CA LEU B 106 -14.55 11.22 9.60
C LEU B 106 -13.07 10.71 9.48
N LEU B 107 -12.48 10.34 10.61
CA LEU B 107 -11.42 9.36 10.71
C LEU B 107 -12.08 8.15 11.40
N VAL B 108 -11.95 6.96 10.84
CA VAL B 108 -12.55 5.77 11.37
C VAL B 108 -11.47 4.70 11.44
N LEU B 109 -11.57 3.89 12.48
CA LEU B 109 -10.61 2.90 12.85
C LEU B 109 -11.40 1.63 12.94
N ASP B 110 -11.05 0.63 12.13
CA ASP B 110 -11.85 -0.61 12.10
C ASP B 110 -11.78 -1.31 13.44
N GLY B 111 -12.89 -1.92 13.82
CA GLY B 111 -12.95 -2.67 15.08
C GLY B 111 -11.97 -3.83 15.25
N ALA B 112 -11.71 -4.58 14.17
CA ALA B 112 -10.75 -5.65 14.22
C ALA B 112 -9.36 -5.16 14.66
N ASP B 113 -9.08 -3.88 14.43
CA ASP B 113 -7.79 -3.26 14.76
C ASP B 113 -7.60 -2.75 16.16
N ILE B 114 -8.64 -2.76 17.01
CA ILE B 114 -8.43 -2.24 18.37
C ILE B 114 -7.75 -3.23 19.29
N PRO B 115 -7.89 -4.55 19.05
CA PRO B 115 -6.95 -5.41 19.82
C PRO B 115 -5.47 -5.22 19.46
N ARG B 116 -5.14 -4.38 18.47
CA ARG B 116 -3.77 -4.15 18.07
C ARG B 116 -3.23 -2.84 18.55
N VAL B 117 -4.08 -1.85 18.70
CA VAL B 117 -3.68 -0.58 19.24
C VAL B 117 -3.73 -0.66 20.78
N ARG B 118 -4.67 -1.40 21.35
CA ARG B 118 -4.95 -1.32 22.78
C ARG B 118 -3.77 -1.80 23.65
N GLY B 119 -3.48 -1.02 24.70
CA GLY B 119 -2.26 -1.13 25.51
C GLY B 119 -0.93 -0.89 24.79
N LYS B 120 -0.94 -0.39 23.57
CA LYS B 120 0.31 -0.32 22.76
C LYS B 120 0.78 1.12 22.55
N LYS B 121 2.08 1.33 22.65
CA LYS B 121 2.68 2.62 22.32
C LYS B 121 2.73 2.73 20.81
N VAL B 122 2.25 3.86 20.30
CA VAL B 122 1.94 4.03 18.88
C VAL B 122 2.69 5.22 18.26
N ALA B 123 2.98 5.13 16.99
CA ALA B 123 3.41 6.28 16.24
C ALA B 123 2.50 6.54 15.00
N ILE B 124 2.04 7.78 14.87
CA ILE B 124 1.37 8.19 13.66
C ILE B 124 2.39 8.31 12.54
N VAL B 125 2.02 7.80 11.35
CA VAL B 125 2.75 8.09 10.10
C VAL B 125 1.83 8.69 9.04
N ASP B 126 2.23 9.87 8.55
CA ASP B 126 1.57 10.60 7.48
C ASP B 126 2.62 10.80 6.34
N ASP B 127 2.16 11.03 5.12
CA ASP B 127 3.04 11.58 4.08
C ASP B 127 3.40 13.06 4.32
N VAL B 128 2.40 13.85 4.74
CA VAL B 128 2.52 15.31 4.90
C VAL B 128 1.70 15.81 6.06
N VAL B 129 2.34 16.38 7.09
CA VAL B 129 1.62 16.88 8.28
C VAL B 129 1.58 18.41 8.22
N SER B 130 0.41 18.98 8.48
CA SER B 130 0.27 20.43 8.46
C SER B 130 -0.86 20.96 9.34
N THR B 131 -2.13 20.66 9.01
CA THR B 131 -3.29 21.11 9.80
C THR B 131 -3.08 20.90 11.31
N GLY B 132 -2.78 19.67 11.70
CA GLY B 132 -2.64 19.32 13.14
C GLY B 132 -3.96 19.17 13.88
N SER B 133 -5.08 19.23 13.15
CA SER B 133 -6.41 18.93 13.65
C SER B 133 -6.85 17.54 13.22
N THR B 134 -6.36 17.09 12.07
CA THR B 134 -6.55 15.72 11.64
C THR B 134 -5.73 14.82 12.52
N LEU B 135 -4.50 15.25 12.79
CA LEU B 135 -3.58 14.56 13.70
C LEU B 135 -4.02 14.60 15.18
N ALA B 136 -4.53 15.73 15.63
CA ALA B 136 -5.08 15.79 16.96
C ALA B 136 -6.29 14.88 17.04
N GLY B 137 -7.07 14.85 15.96
CA GLY B 137 -8.21 13.95 15.86
C GLY B 137 -7.79 12.48 15.90
N LEU B 138 -6.76 12.15 15.12
CA LEU B 138 -6.21 10.80 15.10
C LEU B 138 -5.72 10.46 16.52
N ARG B 139 -5.02 11.39 17.21
CA ARG B 139 -4.62 11.17 18.61
C ARG B 139 -5.86 10.80 19.52
N GLU B 140 -6.97 11.56 19.36
CA GLU B 140 -8.27 11.28 20.02
C GLU B 140 -8.79 9.90 19.66
N LEU B 141 -8.69 9.50 18.41
CA LEU B 141 -9.06 8.16 18.02
C LEU B 141 -8.18 7.10 18.66
N ILE B 142 -6.85 7.23 18.53
CA ILE B 142 -5.93 6.21 19.06
C ILE B 142 -6.21 6.06 20.55
N GLU B 143 -6.13 7.16 21.29
CA GLU B 143 -6.32 7.20 22.74
C GLU B 143 -7.66 6.56 23.24
N SER B 144 -8.73 6.79 22.46
CA SER B 144 -10.03 6.12 22.58
C SER B 144 -9.94 4.64 22.85
N VAL B 145 -9.05 3.99 22.09
CA VAL B 145 -8.88 2.51 22.04
C VAL B 145 -8.19 1.94 23.25
N GLY B 146 -7.41 2.76 23.93
CA GLY B 146 -6.42 2.26 24.88
C GLY B 146 -5.02 2.50 24.41
N GLY B 147 -4.85 3.11 23.23
CA GLY B 147 -3.52 3.40 22.69
C GLY B 147 -2.80 4.62 23.27
N GLU B 148 -1.49 4.66 23.20
CA GLU B 148 -0.67 5.80 23.63
C GLU B 148 0.17 6.31 22.48
N VAL B 149 -0.10 7.52 21.97
CA VAL B 149 0.77 8.10 20.96
C VAL B 149 2.05 8.57 21.65
N VAL B 150 3.20 8.05 21.19
CA VAL B 150 4.51 8.41 21.73
C VAL B 150 5.41 9.10 20.67
N ALA B 151 4.99 9.12 19.41
CA ALA B 151 5.78 9.68 18.29
C ALA B 151 4.89 9.99 17.08
N VAL B 152 5.27 10.99 16.34
CA VAL B 152 4.68 11.35 15.07
C VAL B 152 5.82 11.40 14.06
N LEU B 153 5.59 10.81 12.88
CA LEU B 153 6.56 10.77 11.77
C LEU B 153 5.87 11.31 10.56
N ALA B 154 6.65 11.81 9.62
CA ALA B 154 6.15 12.20 8.34
C ALA B 154 7.32 12.49 7.41
N VAL B 155 7.01 12.64 6.13
CA VAL B 155 7.99 13.10 5.16
C VAL B 155 8.16 14.60 5.33
N PHE B 156 7.06 15.34 5.33
CA PHE B 156 7.06 16.79 5.42
C PHE B 156 6.10 17.38 6.44
N THR B 157 6.66 17.99 7.49
CA THR B 157 6.01 19.09 8.24
C THR B 157 5.78 20.26 7.27
N GLU B 158 4.73 21.07 7.47
CA GLU B 158 4.40 22.20 6.55
C GLU B 158 3.75 23.37 7.28
N GLY B 159 4.31 24.57 7.09
CA GLY B 159 3.86 25.78 7.81
C GLY B 159 4.78 26.02 9.00
N THR B 160 4.41 25.51 10.17
CA THR B 160 5.35 25.34 11.29
C THR B 160 4.87 24.28 12.28
N PRO B 161 5.79 23.78 13.14
CA PRO B 161 5.37 22.76 14.14
C PRO B 161 4.19 23.18 15.07
N ARG B 162 2.99 22.66 14.80
CA ARG B 162 1.88 22.60 15.79
C ARG B 162 2.30 21.51 16.81
N GLN B 163 1.98 20.25 16.48
CA GLN B 163 2.41 19.08 17.24
C GLN B 163 3.82 18.72 16.70
N ASP B 164 4.71 18.26 17.57
CA ASP B 164 6.13 18.17 17.18
C ASP B 164 6.53 16.84 16.49
N VAL B 165 6.37 16.86 15.17
CA VAL B 165 6.64 15.74 14.28
C VAL B 165 8.15 15.57 14.09
N VAL B 166 8.59 14.33 13.88
CA VAL B 166 9.98 14.03 13.52
C VAL B 166 10.17 13.79 12.00
N ALA B 167 10.18 14.87 11.23
CA ALA B 167 10.11 14.81 9.78
C ALA B 167 11.48 14.58 9.10
N LEU B 168 11.50 14.65 7.76
CA LEU B 168 12.65 14.31 6.93
C LEU B 168 13.16 15.59 6.27
N GLY B 169 12.23 16.30 5.64
CA GLY B 169 12.40 17.67 5.24
C GLY B 169 11.23 18.45 5.80
N HIS B 170 10.96 19.58 5.19
CA HIS B 170 9.93 20.50 5.59
C HIS B 170 9.53 21.31 4.36
N LEU B 171 8.26 21.68 4.28
CA LEU B 171 7.75 22.41 3.12
C LEU B 171 7.42 23.82 3.51
N PRO B 172 7.65 24.77 2.58
CA PRO B 172 7.05 26.10 2.74
C PRO B 172 5.63 26.05 2.19
N LEU B 173 4.96 27.20 2.21
CA LEU B 173 3.75 27.44 1.42
C LEU B 173 4.17 28.41 0.32
N PHE B 174 3.74 28.17 -0.92
CA PHE B 174 4.16 29.01 -2.05
C PHE B 174 3.21 30.23 -2.12
N THR C 2 -8.73 13.02 -24.80
CA THR C 2 -10.18 13.34 -24.88
C THR C 2 -10.81 12.68 -26.14
N TYR C 3 -10.61 13.23 -27.34
CA TYR C 3 -11.10 12.57 -28.56
C TYR C 3 -10.30 11.26 -28.75
N PRO C 4 -10.96 10.07 -28.54
CA PRO C 4 -10.23 8.80 -28.62
C PRO C 4 -10.15 8.38 -30.06
N VAL C 5 -9.03 7.75 -30.41
CA VAL C 5 -8.67 7.39 -31.81
C VAL C 5 -8.22 5.93 -31.93
N GLU C 6 -8.04 5.49 -33.15
CA GLU C 6 -7.54 4.16 -33.48
C GLU C 6 -6.73 4.24 -34.78
N ILE C 7 -5.49 3.78 -34.76
CA ILE C 7 -4.68 3.73 -35.98
C ILE C 7 -4.16 2.31 -36.12
N ALA C 8 -4.96 1.48 -36.76
CA ALA C 8 -4.61 0.06 -36.98
C ALA C 8 -4.18 -0.61 -35.70
N GLY C 9 -5.16 -0.74 -34.79
CA GLY C 9 -4.95 -1.34 -33.49
C GLY C 9 -4.70 -0.24 -32.49
N VAL C 10 -3.47 0.26 -32.51
CA VAL C 10 -3.00 1.31 -31.55
C VAL C 10 -4.07 2.37 -31.20
N ARG C 11 -4.54 2.36 -29.93
CA ARG C 11 -5.56 3.29 -29.43
C ARG C 11 -4.99 4.37 -28.51
N ARG C 12 -5.50 5.60 -28.61
CA ARG C 12 -4.96 6.76 -27.85
C ARG C 12 -6.08 7.75 -27.49
N GLU C 13 -5.83 8.58 -26.46
CA GLU C 13 -6.74 9.65 -26.00
C GLU C 13 -6.07 11.00 -26.24
N LEU C 14 -6.08 11.50 -27.48
CA LEU C 14 -5.45 12.80 -27.80
C LEU C 14 -6.24 13.98 -27.21
N PRO C 15 -5.57 14.88 -26.46
CA PRO C 15 -6.29 15.70 -25.48
C PRO C 15 -6.61 17.12 -25.93
N ILE C 16 -7.52 17.77 -25.22
CA ILE C 16 -8.22 18.97 -25.73
C ILE C 16 -7.49 20.31 -25.58
N VAL C 17 -7.46 21.09 -26.67
CA VAL C 17 -6.96 22.47 -26.63
C VAL C 17 -7.37 23.27 -27.87
N GLN C 18 -7.89 24.47 -27.65
CA GLN C 18 -8.41 25.29 -28.76
C GLN C 18 -7.30 26.00 -29.54
N VAL C 19 -7.37 25.84 -30.87
CA VAL C 19 -6.92 26.86 -31.80
C VAL C 19 -8.16 27.48 -32.46
N GLY C 20 -9.17 26.65 -32.77
CA GLY C 20 -10.51 27.11 -33.15
C GLY C 20 -11.18 28.02 -32.13
N PRO C 21 -12.47 28.37 -32.34
CA PRO C 21 -13.10 29.39 -31.48
C PRO C 21 -13.04 29.14 -29.94
N GLY C 22 -13.65 28.08 -29.36
CA GLY C 22 -14.54 27.09 -30.02
C GLY C 22 -14.43 25.68 -29.44
N VAL C 23 -15.27 24.80 -30.01
CA VAL C 23 -15.06 23.33 -30.11
C VAL C 23 -14.18 22.70 -29.00
N ALA C 24 -13.20 21.85 -29.36
CA ALA C 24 -12.05 21.50 -28.52
C ALA C 24 -11.05 20.57 -29.30
N VAL C 25 -9.96 21.13 -29.82
CA VAL C 25 -9.06 20.42 -30.78
C VAL C 25 -8.07 19.46 -30.08
N ALA C 26 -7.85 18.28 -30.68
CA ALA C 26 -7.05 17.20 -30.06
C ALA C 26 -5.67 17.01 -30.73
N LEU C 27 -4.64 17.59 -30.12
CA LEU C 27 -3.26 17.52 -30.63
C LEU C 27 -2.75 16.08 -30.74
N LEU C 28 -2.19 15.76 -31.88
CA LEU C 28 -1.23 14.66 -32.01
C LEU C 28 0.14 15.27 -31.79
N ASN C 29 0.96 14.67 -30.94
CA ASN C 29 2.40 14.77 -31.16
C ASN C 29 3.01 13.37 -31.25
N LEU C 30 3.49 13.04 -32.47
CA LEU C 30 4.24 11.82 -32.73
C LEU C 30 5.58 11.73 -32.00
N LEU C 31 6.04 12.82 -31.36
CA LEU C 31 7.30 12.85 -30.61
C LEU C 31 7.28 11.96 -29.39
N GLY C 32 6.14 11.91 -28.72
CA GLY C 32 5.95 10.93 -27.61
C GLY C 32 6.15 9.47 -28.00
N ASP C 33 5.47 9.03 -29.09
CA ASP C 33 5.00 7.65 -29.28
C ASP C 33 5.60 6.82 -30.45
N THR C 34 6.56 5.97 -30.09
CA THR C 34 7.25 5.04 -30.98
C THR C 34 6.31 4.02 -31.70
N GLU C 35 5.24 3.63 -31.03
CA GLU C 35 4.34 2.58 -31.48
C GLU C 35 3.36 3.12 -32.49
N LEU C 36 2.78 4.29 -32.17
CA LEU C 36 1.84 4.98 -33.02
C LEU C 36 2.49 5.33 -34.35
N THR C 37 3.64 6.00 -34.28
CA THR C 37 4.42 6.32 -35.44
C THR C 37 4.68 5.08 -36.27
N GLU C 38 5.21 4.05 -35.65
CA GLU C 38 5.47 2.78 -36.36
C GLU C 38 4.19 2.19 -36.95
N ALA C 39 3.10 2.23 -36.18
CA ALA C 39 1.78 1.83 -36.68
C ALA C 39 1.27 2.68 -37.84
N ALA C 40 1.40 3.99 -37.77
CA ALA C 40 0.93 4.87 -38.86
C ALA C 40 1.88 4.92 -40.04
N ALA C 41 3.11 4.44 -39.90
CA ALA C 41 4.07 4.47 -40.97
C ALA C 41 3.95 3.26 -41.88
N GLU C 42 3.75 2.08 -41.28
CA GLU C 42 3.44 0.85 -42.00
C GLU C 42 2.02 0.92 -42.61
N ALA C 43 1.10 1.54 -41.90
CA ALA C 43 -0.27 1.78 -42.43
C ALA C 43 -0.31 2.89 -43.51
N LEU C 44 0.62 3.84 -43.47
CA LEU C 44 0.72 4.81 -44.54
C LEU C 44 1.62 4.26 -45.64
N ALA C 45 2.49 3.31 -45.32
CA ALA C 45 3.30 2.66 -46.38
C ALA C 45 2.49 1.88 -47.46
N LYS C 46 1.31 1.37 -47.13
CA LYS C 46 0.47 0.73 -48.15
C LYS C 46 -0.03 1.77 -49.20
N ARG C 47 -0.39 2.97 -48.74
CA ARG C 47 -0.93 4.01 -49.62
C ARG C 47 -0.01 4.55 -50.71
N LEU C 48 1.31 4.48 -50.53
CA LEU C 48 2.25 5.17 -51.44
C LEU C 48 2.10 4.72 -52.87
N PRO C 49 1.93 5.66 -53.81
CA PRO C 49 2.18 5.32 -55.22
C PRO C 49 3.65 4.96 -55.50
N PRO C 50 3.88 4.05 -56.47
CA PRO C 50 5.25 3.81 -56.95
C PRO C 50 5.83 5.02 -57.71
N GLU C 51 4.98 5.84 -58.32
CA GLU C 51 5.35 7.19 -58.82
C GLU C 51 6.09 8.08 -57.78
N VAL C 52 5.89 7.86 -56.49
CA VAL C 52 6.64 8.61 -55.49
C VAL C 52 8.07 8.02 -55.44
N GLU C 53 9.04 8.92 -55.51
CA GLU C 53 10.48 8.59 -55.38
C GLU C 53 11.12 9.36 -54.22
N VAL C 54 10.35 10.23 -53.54
CA VAL C 54 10.94 11.10 -52.51
C VAL C 54 9.86 11.74 -51.62
N LEU C 55 10.11 11.75 -50.31
CA LEU C 55 9.17 12.26 -49.30
C LEU C 55 9.60 13.60 -48.78
N VAL C 56 8.66 14.51 -48.55
CA VAL C 56 9.00 15.84 -48.02
C VAL C 56 8.05 16.16 -46.87
N THR C 57 8.51 16.92 -45.88
CA THR C 57 7.71 17.24 -44.67
C THR C 57 7.90 18.71 -44.34
N PRO C 58 7.17 19.20 -43.32
CA PRO C 58 7.64 20.33 -42.49
C PRO C 58 8.03 19.91 -41.04
N GLU C 59 8.70 20.81 -40.32
CA GLU C 59 9.39 20.52 -39.05
C GLU C 59 8.66 19.63 -38.03
N VAL C 60 7.37 19.90 -37.83
CA VAL C 60 6.67 19.63 -36.55
C VAL C 60 6.88 18.23 -35.92
N LYS C 61 5.84 17.40 -35.87
CA LYS C 61 5.94 16.11 -35.24
C LYS C 61 6.03 15.06 -36.37
N ALA C 62 6.31 15.48 -37.61
CA ALA C 62 6.20 14.58 -38.74
C ALA C 62 7.54 13.94 -39.18
N VAL C 63 8.66 14.28 -38.51
CA VAL C 63 9.91 13.63 -38.90
C VAL C 63 10.03 12.19 -38.38
N PRO C 64 9.50 11.89 -37.16
CA PRO C 64 9.46 10.42 -36.80
C PRO C 64 8.70 9.61 -37.84
N LEU C 65 7.51 10.11 -38.18
CA LEU C 65 6.67 9.51 -39.24
C LEU C 65 7.39 9.36 -40.55
N ALA C 66 7.85 10.46 -41.12
CA ALA C 66 8.53 10.39 -42.40
C ALA C 66 9.78 9.54 -42.33
N HIS C 67 10.52 9.56 -41.21
CA HIS C 67 11.65 8.63 -41.04
C HIS C 67 11.26 7.12 -41.15
N ALA C 68 10.34 6.65 -40.30
CA ALA C 68 9.88 5.24 -40.33
C ALA C 68 9.27 4.86 -41.70
N LEU C 69 8.42 5.72 -42.18
CA LEU C 69 7.87 5.60 -43.54
C LEU C 69 8.98 5.44 -44.59
N SER C 70 9.98 6.33 -44.50
CA SER C 70 11.17 6.23 -45.33
C SER C 70 11.97 4.98 -45.15
N ARG C 71 11.97 4.44 -43.95
CA ARG C 71 12.69 3.20 -43.66
C ARG C 71 12.05 2.02 -44.37
N ILE C 72 10.72 1.90 -44.30
CA ILE C 72 10.06 0.69 -44.84
C ILE C 72 9.77 0.72 -46.35
N THR C 73 9.51 1.89 -46.91
CA THR C 73 9.28 2.02 -48.33
C THR C 73 10.62 1.98 -49.12
N GLY C 74 11.66 2.51 -48.49
CA GLY C 74 12.98 2.57 -49.12
C GLY C 74 13.14 3.75 -50.05
N LYS C 75 12.54 4.89 -49.72
CA LYS C 75 12.81 6.12 -50.48
C LYS C 75 13.14 7.29 -49.55
N PRO C 76 13.92 8.29 -50.07
CA PRO C 76 14.43 9.38 -49.24
C PRO C 76 13.34 10.17 -48.60
N TYR C 77 13.67 10.96 -47.58
CA TYR C 77 12.78 12.00 -47.10
C TYR C 77 13.51 13.30 -46.89
N VAL C 78 12.79 14.41 -46.91
CA VAL C 78 13.39 15.73 -46.81
C VAL C 78 12.54 16.59 -45.90
N VAL C 79 13.23 17.47 -45.13
CA VAL C 79 12.63 18.30 -44.08
C VAL C 79 12.86 19.79 -44.41
N ALA C 80 11.79 20.57 -44.29
CA ALA C 80 11.81 22.06 -44.44
C ALA C 80 11.42 22.62 -43.12
N ARG C 81 11.86 23.84 -42.83
CA ARG C 81 11.82 24.35 -41.44
C ARG C 81 10.97 25.63 -41.32
N LYS C 82 10.14 25.67 -40.26
CA LYS C 82 9.15 26.73 -39.99
C LYS C 82 9.75 28.13 -39.98
N THR C 83 10.98 28.25 -39.51
CA THR C 83 11.63 29.53 -39.23
C THR C 83 13.13 29.46 -39.69
N GLU C 84 13.94 30.35 -39.13
CA GLU C 84 15.40 30.29 -39.26
C GLU C 84 15.97 29.29 -38.25
N LYS C 85 17.10 28.68 -38.60
CA LYS C 85 17.84 27.74 -37.69
C LYS C 85 19.23 28.30 -37.30
N PRO C 86 20.01 27.56 -36.46
CA PRO C 86 21.37 27.99 -36.10
C PRO C 86 22.35 28.22 -37.28
N TYR C 87 22.87 29.46 -37.38
CA TYR C 87 23.79 29.90 -38.43
C TYR C 87 23.20 29.75 -39.85
N MET C 88 22.03 30.37 -40.08
CA MET C 88 21.30 30.22 -41.37
C MET C 88 21.73 31.20 -42.48
N ILE C 89 22.59 32.17 -42.18
CA ILE C 89 23.23 33.01 -43.23
C ILE C 89 24.73 32.69 -43.37
N ASN C 90 25.25 31.80 -42.52
CA ASN C 90 26.62 31.27 -42.60
C ASN C 90 26.52 29.87 -43.22
N PRO C 91 27.65 29.29 -43.70
CA PRO C 91 27.55 28.05 -44.50
C PRO C 91 27.21 26.73 -43.73
N VAL C 92 26.01 26.19 -44.00
CA VAL C 92 25.41 24.96 -43.37
C VAL C 92 23.94 24.79 -43.80
N SER C 93 23.23 25.92 -43.81
CA SER C 93 21.79 25.97 -44.00
C SER C 93 21.41 27.01 -45.09
N ARG C 94 21.07 26.54 -46.30
CA ARG C 94 20.71 27.36 -47.50
C ARG C 94 19.45 28.22 -47.27
N GLN C 95 19.11 29.13 -48.19
CA GLN C 95 18.12 30.21 -47.92
C GLN C 95 16.65 29.91 -48.29
N VAL C 96 15.77 30.49 -47.50
CA VAL C 96 14.29 30.47 -47.61
C VAL C 96 13.64 30.58 -49.01
N LEU C 97 12.48 29.95 -49.15
CA LEU C 97 11.40 30.35 -50.09
C LEU C 97 10.14 30.58 -49.23
N SER C 98 9.46 31.72 -49.35
CA SER C 98 8.43 32.11 -48.36
C SER C 98 7.02 32.49 -48.88
N ILE C 99 6.07 32.44 -47.94
CA ILE C 99 4.63 32.74 -48.12
C ILE C 99 4.03 33.21 -46.78
N THR C 100 3.17 34.25 -46.81
CA THR C 100 2.51 34.78 -45.59
C THR C 100 1.02 34.47 -45.58
N THR C 101 0.65 33.43 -44.82
CA THR C 101 -0.75 32.95 -44.73
C THR C 101 -1.62 33.88 -43.86
N GLY C 102 -2.92 33.59 -43.85
CA GLY C 102 -3.85 34.17 -42.87
C GLY C 102 -3.50 33.78 -41.44
N LYS C 103 -3.17 32.49 -41.24
CA LYS C 103 -2.55 31.99 -40.00
C LYS C 103 -1.22 32.74 -39.74
N PRO C 104 -0.94 33.12 -38.47
CA PRO C 104 0.34 33.81 -38.19
C PRO C 104 1.52 32.85 -38.38
N GLN C 105 2.05 32.86 -39.61
CA GLN C 105 3.05 31.88 -40.06
C GLN C 105 3.84 32.43 -41.26
N LEU C 106 5.11 32.04 -41.36
CA LEU C 106 6.02 32.54 -42.39
C LEU C 106 7.18 31.54 -42.59
N LEU C 107 7.11 30.75 -43.67
CA LEU C 107 7.80 29.46 -43.77
C LEU C 107 9.00 29.42 -44.73
N VAL C 108 9.86 28.43 -44.53
CA VAL C 108 11.22 28.34 -45.14
C VAL C 108 11.60 26.87 -45.47
N LEU C 109 12.48 26.69 -46.45
CA LEU C 109 13.15 25.40 -46.70
C LEU C 109 14.64 25.61 -46.56
N ASP C 110 15.34 24.49 -46.33
CA ASP C 110 16.82 24.43 -46.35
C ASP C 110 17.29 23.71 -47.63
N GLY C 111 17.58 24.48 -48.66
CA GLY C 111 18.22 23.93 -49.89
C GLY C 111 19.62 23.29 -49.80
N ALA C 112 19.94 22.62 -48.70
CA ALA C 112 20.99 21.60 -48.72
C ALA C 112 20.57 20.43 -49.64
N ASP C 113 19.30 20.01 -49.49
CA ASP C 113 18.71 18.82 -50.14
C ASP C 113 18.29 18.97 -51.61
N ILE C 114 18.23 20.21 -52.13
CA ILE C 114 17.67 20.54 -53.47
C ILE C 114 18.04 19.57 -54.62
N PRO C 115 19.29 19.02 -54.68
CA PRO C 115 19.53 17.94 -55.66
C PRO C 115 18.69 16.67 -55.48
N ARG C 116 18.27 16.35 -54.25
CA ARG C 116 17.46 15.15 -53.97
C ARG C 116 16.00 15.29 -54.46
N VAL C 117 15.54 16.52 -54.70
CA VAL C 117 14.18 16.78 -55.20
C VAL C 117 14.13 17.14 -56.71
N ARG C 118 15.08 17.97 -57.17
CA ARG C 118 15.05 18.57 -58.52
C ARG C 118 15.13 17.51 -59.64
N GLY C 119 13.95 17.07 -60.09
CA GLY C 119 13.82 16.08 -61.15
C GLY C 119 13.01 14.86 -60.74
N LYS C 120 12.80 14.68 -59.43
CA LYS C 120 12.10 13.52 -58.90
C LYS C 120 10.66 13.87 -58.57
N LYS C 121 9.82 12.83 -58.49
CA LYS C 121 8.38 12.94 -58.19
C LYS C 121 8.11 12.77 -56.66
N VAL C 122 7.38 13.75 -56.10
CA VAL C 122 7.40 14.06 -54.67
C VAL C 122 6.07 13.75 -54.01
N ALA C 123 6.09 13.45 -52.71
CA ALA C 123 4.86 13.32 -51.85
C ALA C 123 5.01 14.06 -50.51
N ILE C 124 3.99 14.82 -50.11
CA ILE C 124 4.01 15.53 -48.81
C ILE C 124 3.48 14.58 -47.76
N VAL C 125 4.11 14.53 -46.58
CA VAL C 125 3.51 13.90 -45.41
C VAL C 125 3.50 14.83 -44.19
N ASP C 126 2.46 14.68 -43.36
CA ASP C 126 2.24 15.57 -42.22
C ASP C 126 1.52 14.76 -41.08
N ASP C 127 1.35 15.40 -39.92
CA ASP C 127 0.70 14.75 -38.77
C ASP C 127 -0.76 15.19 -38.62
N VAL C 128 -1.03 16.45 -38.95
CA VAL C 128 -2.40 16.90 -39.22
C VAL C 128 -2.39 17.82 -40.45
N VAL C 129 -3.45 17.70 -41.25
CA VAL C 129 -3.80 18.71 -42.26
C VAL C 129 -5.17 19.31 -41.89
N SER C 130 -5.19 20.59 -41.53
CA SER C 130 -6.43 21.35 -41.17
C SER C 130 -6.67 22.46 -42.20
N THR C 131 -6.10 23.65 -41.99
CA THR C 131 -6.24 24.79 -42.93
C THR C 131 -5.37 24.58 -44.18
N GLY C 132 -4.31 23.78 -44.07
CA GLY C 132 -3.35 23.57 -45.15
C GLY C 132 -2.51 24.81 -45.43
N SER C 133 -2.04 25.43 -44.34
CA SER C 133 -1.23 26.65 -44.40
C SER C 133 0.08 26.47 -45.20
N THR C 134 0.82 25.44 -44.82
CA THR C 134 2.06 25.06 -45.47
C THR C 134 1.86 24.61 -46.92
N LEU C 135 0.75 23.90 -47.17
CA LEU C 135 0.60 22.98 -48.30
C LEU C 135 0.89 23.59 -49.67
N ALA C 136 0.19 24.66 -50.04
CA ALA C 136 0.45 25.30 -51.34
C ALA C 136 1.87 25.91 -51.39
N GLY C 137 2.23 26.64 -50.35
CA GLY C 137 3.58 27.16 -50.20
C GLY C 137 4.64 26.08 -50.44
N LEU C 138 4.64 25.03 -49.62
CA LEU C 138 5.59 23.91 -49.79
C LEU C 138 5.58 23.42 -51.25
N ARG C 139 4.37 23.23 -51.77
CA ARG C 139 4.19 22.70 -53.12
C ARG C 139 4.77 23.62 -54.17
N GLU C 140 4.67 24.94 -53.94
CA GLU C 140 5.31 25.95 -54.80
C GLU C 140 6.83 25.91 -54.60
N LEU C 141 7.31 25.75 -53.36
CA LEU C 141 8.74 25.54 -53.12
C LEU C 141 9.28 24.35 -53.96
N ILE C 142 8.47 23.28 -54.02
CA ILE C 142 8.84 22.06 -54.76
C ILE C 142 8.68 22.25 -56.27
N GLU C 143 7.77 23.14 -56.68
CA GLU C 143 7.76 23.64 -58.04
C GLU C 143 9.10 24.38 -58.22
N SER C 144 9.28 25.46 -57.45
CA SER C 144 10.43 26.37 -57.51
C SER C 144 11.78 25.66 -57.66
N VAL C 145 11.92 24.55 -56.93
CA VAL C 145 13.07 23.63 -57.04
C VAL C 145 13.03 22.94 -58.40
N GLY C 146 12.14 21.95 -58.56
CA GLY C 146 12.09 21.08 -59.75
C GLY C 146 11.48 19.69 -59.54
N GLY C 147 10.36 19.64 -58.84
CA GLY C 147 9.73 18.37 -58.55
C GLY C 147 8.23 18.52 -58.63
N GLU C 148 7.57 17.43 -58.97
CA GLU C 148 6.11 17.38 -59.04
C GLU C 148 5.61 16.67 -57.77
N VAL C 149 4.63 17.27 -57.11
CA VAL C 149 3.91 16.66 -55.99
C VAL C 149 2.72 15.83 -56.51
N VAL C 150 2.87 14.50 -56.54
CA VAL C 150 1.77 13.60 -56.93
C VAL C 150 0.78 13.26 -55.78
N ALA C 151 1.11 13.60 -54.53
CA ALA C 151 0.31 13.17 -53.37
C ALA C 151 0.52 13.99 -52.08
N VAL C 152 -0.51 14.03 -51.24
CA VAL C 152 -0.48 14.70 -49.94
C VAL C 152 -0.98 13.74 -48.82
N LEU C 153 -0.16 12.72 -48.53
CA LEU C 153 -0.43 11.77 -47.41
C LEU C 153 -0.32 12.43 -46.05
N ALA C 154 -0.84 11.74 -45.02
CA ALA C 154 -0.85 12.23 -43.64
C ALA C 154 -1.42 11.18 -42.71
N VAL C 155 -1.35 11.42 -41.41
CA VAL C 155 -2.05 10.56 -40.43
C VAL C 155 -3.52 11.00 -40.42
N PHE C 156 -3.73 12.29 -40.13
CA PHE C 156 -5.03 12.83 -39.83
C PHE C 156 -5.42 14.04 -40.67
N THR C 157 -6.52 13.90 -41.40
CA THR C 157 -7.27 15.05 -41.88
C THR C 157 -8.01 15.70 -40.71
N GLU C 158 -8.07 17.04 -40.72
CA GLU C 158 -8.83 17.82 -39.75
C GLU C 158 -9.65 18.84 -40.55
N GLY C 159 -10.87 19.10 -40.08
CA GLY C 159 -11.82 19.94 -40.82
C GLY C 159 -12.30 19.24 -42.08
N THR C 160 -12.12 19.86 -43.24
CA THR C 160 -12.48 19.28 -44.54
C THR C 160 -11.57 19.94 -45.57
N PRO C 161 -10.27 19.58 -45.58
CA PRO C 161 -9.27 20.28 -46.39
C PRO C 161 -9.52 20.07 -47.87
N ARG C 162 -9.79 21.17 -48.59
CA ARG C 162 -9.97 21.19 -50.06
C ARG C 162 -8.81 20.51 -50.82
N GLN C 163 -7.74 20.17 -50.10
CA GLN C 163 -6.69 19.29 -50.61
C GLN C 163 -7.03 17.80 -50.57
N ASP C 164 -6.40 17.06 -51.48
CA ASP C 164 -6.50 15.61 -51.58
C ASP C 164 -5.58 14.93 -50.53
N VAL C 165 -6.03 14.90 -49.28
CA VAL C 165 -5.32 14.22 -48.19
C VAL C 165 -6.05 12.93 -47.84
N VAL C 166 -5.90 11.92 -48.69
CA VAL C 166 -6.48 10.62 -48.40
C VAL C 166 -5.62 10.06 -47.25
N ALA C 167 -6.11 10.34 -46.04
CA ALA C 167 -5.31 10.32 -44.83
C ALA C 167 -5.39 8.93 -44.16
N LEU C 168 -5.51 8.89 -42.84
CA LEU C 168 -5.78 7.67 -42.08
C LEU C 168 -6.98 7.85 -41.14
N GLY C 169 -7.54 9.05 -41.03
CA GLY C 169 -8.53 9.32 -39.99
C GLY C 169 -8.88 10.79 -39.93
N HIS C 170 -9.94 11.13 -39.20
CA HIS C 170 -10.45 12.49 -39.19
C HIS C 170 -10.67 13.02 -37.80
N LEU C 171 -10.50 14.33 -37.61
CA LEU C 171 -10.80 15.00 -36.32
C LEU C 171 -11.75 16.23 -36.38
N PRO C 172 -12.64 16.41 -35.38
CA PRO C 172 -13.39 17.68 -35.26
C PRO C 172 -12.53 18.90 -34.95
N ARG D 1 34.01 23.85 -48.23
CA ARG D 1 34.80 23.60 -46.97
C ARG D 1 34.17 22.54 -46.08
N THR D 2 34.72 21.33 -46.17
CA THR D 2 34.04 20.07 -45.84
C THR D 2 34.88 19.18 -44.90
N TYR D 3 34.22 18.36 -44.08
CA TYR D 3 34.91 17.39 -43.19
C TYR D 3 34.48 15.97 -43.49
N PRO D 4 35.33 15.18 -44.17
CA PRO D 4 34.97 13.75 -44.41
C PRO D 4 35.02 12.93 -43.13
N VAL D 5 34.14 11.94 -42.99
CA VAL D 5 33.99 11.16 -41.76
C VAL D 5 33.36 9.83 -42.15
N GLU D 6 33.74 8.72 -41.48
CA GLU D 6 33.07 7.43 -41.60
C GLU D 6 32.44 6.96 -40.29
N ILE D 7 31.12 6.83 -40.32
CA ILE D 7 30.35 6.56 -39.11
C ILE D 7 29.70 5.19 -39.29
N ALA D 8 30.10 4.21 -38.51
CA ALA D 8 29.68 2.82 -38.71
C ALA D 8 29.71 2.41 -40.19
N GLY D 9 30.81 2.75 -40.88
CA GLY D 9 31.02 2.40 -42.29
C GLY D 9 30.20 3.19 -43.30
N VAL D 10 29.41 4.16 -42.87
CA VAL D 10 28.79 5.10 -43.80
C VAL D 10 29.71 6.30 -43.88
N ARG D 11 29.90 6.76 -45.12
CA ARG D 11 30.74 7.91 -45.41
C ARG D 11 29.90 9.13 -45.60
N ARG D 12 30.31 10.23 -44.98
CA ARG D 12 29.66 11.54 -45.21
C ARG D 12 30.65 12.69 -45.28
N GLU D 13 30.17 13.80 -45.85
CA GLU D 13 30.92 15.04 -45.98
C GLU D 13 30.15 16.07 -45.20
N LEU D 14 30.58 16.29 -43.98
CA LEU D 14 29.92 17.23 -43.11
C LEU D 14 30.36 18.62 -43.50
N PRO D 15 29.43 19.56 -43.54
CA PRO D 15 29.89 20.97 -43.67
C PRO D 15 30.58 21.52 -42.38
N ILE D 16 31.58 22.38 -42.55
CA ILE D 16 32.30 23.02 -41.49
C ILE D 16 31.80 24.47 -41.24
N VAL D 17 30.87 24.62 -40.30
CA VAL D 17 30.08 25.85 -40.11
C VAL D 17 30.63 26.74 -38.98
N GLN D 18 30.47 28.03 -39.18
CA GLN D 18 31.18 29.05 -38.47
C GLN D 18 30.67 29.25 -37.03
N VAL D 19 31.35 28.54 -36.13
CA VAL D 19 31.84 29.13 -34.88
C VAL D 19 32.78 30.30 -35.26
N GLY D 20 33.77 29.97 -36.10
CA GLY D 20 34.66 30.91 -36.86
C GLY D 20 35.68 30.08 -37.62
N PRO D 21 36.18 30.53 -38.78
CA PRO D 21 36.92 29.63 -39.66
C PRO D 21 37.75 28.57 -38.96
N GLY D 22 38.54 28.99 -37.98
CA GLY D 22 39.55 28.14 -37.38
C GLY D 22 38.90 27.08 -36.54
N VAL D 23 38.45 27.47 -35.35
CA VAL D 23 37.65 26.55 -34.53
C VAL D 23 36.43 26.15 -35.38
N ALA D 24 36.67 25.05 -36.08
CA ALA D 24 35.83 24.58 -37.18
C ALA D 24 34.74 23.52 -36.79
N VAL D 25 33.57 23.97 -36.27
CA VAL D 25 32.44 23.02 -36.10
C VAL D 25 31.99 22.31 -37.38
N ALA D 26 32.15 21.00 -37.44
CA ALA D 26 31.65 20.16 -38.52
C ALA D 26 30.29 19.58 -38.11
N LEU D 27 29.26 19.92 -38.85
CA LEU D 27 27.97 19.69 -38.39
C LEU D 27 27.35 18.51 -39.09
N LEU D 28 26.67 17.70 -38.26
CA LEU D 28 25.95 16.53 -38.71
C LEU D 28 24.47 16.88 -38.69
N ASN D 29 23.76 16.51 -39.72
CA ASN D 29 22.29 16.57 -39.75
C ASN D 29 21.74 15.18 -40.08
N LEU D 30 20.81 14.71 -39.24
CA LEU D 30 20.08 13.44 -39.41
C LEU D 30 18.70 13.68 -40.07
N LEU D 31 18.07 14.84 -39.86
CA LEU D 31 16.85 15.23 -40.63
C LEU D 31 17.01 15.00 -42.14
N GLY D 32 16.64 13.79 -42.55
CA GLY D 32 16.59 13.35 -43.94
C GLY D 32 17.61 12.29 -44.34
N ASP D 33 18.43 11.81 -43.39
CA ASP D 33 19.42 10.82 -43.68
C ASP D 33 19.07 9.43 -43.06
N THR D 34 18.35 8.62 -43.86
CA THR D 34 17.77 7.35 -43.37
C THR D 34 18.86 6.26 -43.15
N GLU D 35 19.83 6.22 -44.06
CA GLU D 35 20.89 5.23 -44.06
C GLU D 35 21.82 5.42 -42.83
N LEU D 36 22.14 6.68 -42.55
CA LEU D 36 23.05 7.02 -41.45
C LEU D 36 22.41 6.82 -40.05
N THR D 37 21.21 7.34 -39.88
CA THR D 37 20.48 7.25 -38.65
C THR D 37 20.33 5.76 -38.25
N GLU D 38 19.81 4.94 -39.16
CA GLU D 38 19.69 3.46 -38.99
C GLU D 38 20.99 2.76 -38.68
N ALA D 39 22.06 3.10 -39.41
CA ALA D 39 23.42 2.52 -39.14
C ALA D 39 23.87 2.96 -37.72
N ALA D 40 23.87 4.27 -37.45
CA ALA D 40 24.30 4.76 -36.17
C ALA D 40 23.49 4.16 -34.97
N ALA D 41 22.19 4.02 -35.16
CA ALA D 41 21.34 3.49 -34.11
C ALA D 41 21.52 1.98 -33.95
N GLU D 42 21.83 1.27 -35.03
CA GLU D 42 22.06 -0.14 -34.89
C GLU D 42 23.42 -0.38 -34.22
N ALA D 43 24.36 0.49 -34.47
CA ALA D 43 25.68 0.40 -33.87
C ALA D 43 25.66 0.79 -32.38
N LEU D 44 24.81 1.75 -31.98
CA LEU D 44 24.74 2.19 -30.55
C LEU D 44 23.88 1.26 -29.70
N ALA D 45 22.96 0.50 -30.32
CA ALA D 45 22.14 -0.45 -29.61
C ALA D 45 22.94 -1.62 -29.04
N LYS D 46 23.87 -2.18 -29.82
CA LYS D 46 24.78 -3.17 -29.28
C LYS D 46 25.63 -2.58 -28.11
N ARG D 47 25.81 -1.23 -28.11
CA ARG D 47 26.44 -0.46 -26.99
C ARG D 47 25.54 0.07 -25.84
N LEU D 48 24.20 -0.13 -25.87
CA LEU D 48 23.33 0.39 -24.79
C LEU D 48 23.56 -0.44 -23.55
N PRO D 49 23.94 0.21 -22.41
CA PRO D 49 24.10 -0.64 -21.22
C PRO D 49 22.69 -1.10 -20.78
N PRO D 50 22.58 -2.33 -20.32
CA PRO D 50 21.24 -2.91 -20.38
C PRO D 50 20.33 -2.60 -19.11
N GLU D 51 20.83 -1.83 -18.14
CA GLU D 51 19.96 -1.21 -17.12
C GLU D 51 19.10 -0.04 -17.63
N VAL D 52 19.41 0.49 -18.80
CA VAL D 52 18.72 1.68 -19.39
C VAL D 52 17.21 1.47 -19.63
N GLU D 53 16.40 2.43 -19.20
CA GLU D 53 14.93 2.29 -19.22
C GLU D 53 14.32 3.26 -20.21
N VAL D 54 14.91 4.43 -20.38
CA VAL D 54 14.27 5.48 -21.15
C VAL D 54 15.41 6.26 -21.84
N LEU D 55 15.09 6.92 -22.95
CA LEU D 55 16.02 7.74 -23.71
C LEU D 55 15.55 9.16 -23.72
N VAL D 56 16.46 10.14 -23.55
CA VAL D 56 16.09 11.55 -23.56
C VAL D 56 17.02 12.32 -24.51
N THR D 57 16.42 12.99 -25.47
CA THR D 57 17.17 13.84 -26.44
C THR D 57 16.85 15.30 -26.28
N PRO D 58 17.83 16.20 -26.52
CA PRO D 58 17.45 17.63 -26.65
C PRO D 58 16.84 17.94 -27.99
N GLU D 59 16.31 19.12 -28.14
CA GLU D 59 15.19 19.31 -29.11
C GLU D 59 15.30 18.63 -30.45
N VAL D 60 16.37 18.94 -31.14
CA VAL D 60 16.16 19.31 -32.55
C VAL D 60 16.31 18.12 -33.49
N LYS D 61 17.53 17.95 -34.01
CA LYS D 61 17.72 17.14 -35.19
C LYS D 61 18.03 15.73 -34.75
N ALA D 62 17.88 15.45 -33.48
CA ALA D 62 18.34 14.20 -32.90
C ALA D 62 17.20 13.21 -32.74
N VAL D 63 15.96 13.56 -33.10
CA VAL D 63 14.84 12.63 -32.83
C VAL D 63 14.74 11.43 -33.78
N PRO D 64 15.25 11.52 -35.04
CA PRO D 64 15.24 10.25 -35.81
C PRO D 64 16.16 9.24 -35.18
N LEU D 65 17.31 9.71 -34.68
CA LEU D 65 18.26 8.90 -33.85
C LEU D 65 17.53 8.22 -32.70
N ALA D 66 16.77 9.00 -31.93
CA ALA D 66 16.05 8.50 -30.75
C ALA D 66 14.93 7.59 -31.12
N HIS D 67 14.16 8.00 -32.10
CA HIS D 67 13.12 7.13 -32.67
C HIS D 67 13.69 5.80 -33.07
N ALA D 68 14.68 5.80 -33.95
CA ALA D 68 15.23 4.58 -34.46
C ALA D 68 15.87 3.65 -33.38
N LEU D 69 16.25 4.27 -32.27
CA LEU D 69 16.85 3.62 -31.15
C LEU D 69 15.77 3.00 -30.22
N SER D 70 14.67 3.75 -29.93
CA SER D 70 13.56 3.19 -29.18
C SER D 70 13.01 1.96 -29.90
N ARG D 71 12.88 2.08 -31.22
CA ARG D 71 12.30 1.01 -32.02
C ARG D 71 13.03 -0.32 -31.86
N ILE D 72 14.35 -0.38 -32.14
CA ILE D 72 15.11 -1.67 -32.14
C ILE D 72 15.53 -2.18 -30.77
N THR D 73 15.60 -1.25 -29.83
CA THR D 73 16.07 -1.45 -28.46
C THR D 73 14.85 -1.84 -27.57
N GLY D 74 13.69 -1.29 -27.90
CA GLY D 74 12.43 -1.63 -27.23
C GLY D 74 12.20 -0.92 -25.92
N LYS D 75 12.40 0.37 -25.90
CA LYS D 75 12.08 1.21 -24.72
C LYS D 75 11.85 2.65 -25.15
N PRO D 76 11.12 3.42 -24.35
CA PRO D 76 10.66 4.69 -24.87
C PRO D 76 11.74 5.77 -24.88
N TYR D 77 11.38 6.89 -25.49
CA TYR D 77 12.22 8.05 -25.63
C TYR D 77 11.42 9.34 -25.44
N VAL D 78 12.11 10.36 -24.92
CA VAL D 78 11.59 11.66 -24.63
C VAL D 78 12.41 12.73 -25.39
N VAL D 79 11.73 13.80 -25.78
CA VAL D 79 12.24 14.93 -26.54
C VAL D 79 12.00 16.23 -25.78
N ALA D 80 12.99 16.69 -25.04
CA ALA D 80 13.01 18.05 -24.46
C ALA D 80 13.09 19.08 -25.56
N ARG D 81 12.41 20.22 -25.37
CA ARG D 81 12.39 21.31 -26.36
C ARG D 81 13.30 22.48 -25.96
N LYS D 82 13.33 23.55 -26.76
CA LYS D 82 14.16 24.73 -26.48
C LYS D 82 13.34 25.92 -25.99
N THR D 83 12.01 25.81 -26.04
CA THR D 83 11.05 26.87 -25.67
C THR D 83 9.73 26.25 -25.17
N GLU D 84 8.84 27.07 -24.59
CA GLU D 84 7.44 26.67 -24.39
C GLU D 84 6.86 26.36 -25.78
N LYS D 85 6.26 25.18 -25.94
CA LYS D 85 5.63 24.79 -27.19
C LYS D 85 4.10 24.72 -27.04
N PRO D 86 3.36 24.74 -28.17
CA PRO D 86 1.91 24.83 -28.11
C PRO D 86 1.25 23.87 -27.13
N TYR D 87 0.27 24.39 -26.39
CA TYR D 87 -0.67 23.59 -25.60
C TYR D 87 -0.03 23.06 -24.29
N MET D 88 0.72 23.95 -23.63
CA MET D 88 1.59 23.59 -22.48
C MET D 88 0.94 23.95 -21.14
N ILE D 89 0.51 25.21 -20.99
CA ILE D 89 -0.21 25.68 -19.79
C ILE D 89 -1.72 25.39 -19.99
N ASN D 90 -2.06 24.10 -19.94
CA ASN D 90 -3.39 23.54 -20.30
C ASN D 90 -3.56 22.17 -19.62
N PRO D 91 -4.73 21.49 -19.80
CA PRO D 91 -4.83 20.06 -19.44
C PRO D 91 -4.22 19.04 -20.45
N VAL D 92 -3.52 19.53 -21.48
CA VAL D 92 -2.85 18.68 -22.49
C VAL D 92 -1.37 18.40 -22.10
N SER D 93 -0.43 19.29 -22.51
CA SER D 93 1.00 19.13 -22.24
C SER D 93 1.31 19.78 -20.89
N ARG D 94 0.64 19.29 -19.85
CA ARG D 94 0.48 20.02 -18.57
C ARG D 94 1.76 20.18 -17.77
N GLN D 95 2.17 21.43 -17.59
CA GLN D 95 3.11 21.83 -16.54
C GLN D 95 4.53 21.33 -16.82
N VAL D 96 5.05 21.87 -17.90
CA VAL D 96 6.48 21.85 -18.24
C VAL D 96 7.40 22.35 -17.10
N LEU D 97 8.49 21.62 -16.84
CA LEU D 97 9.57 22.07 -15.96
C LEU D 97 10.75 22.56 -16.79
N SER D 98 11.48 23.54 -16.25
CA SER D 98 12.45 24.34 -16.99
C SER D 98 13.84 24.45 -16.36
N ILE D 99 14.77 24.92 -17.18
CA ILE D 99 16.08 25.48 -16.77
C ILE D 99 16.76 26.10 -18.01
N THR D 100 17.51 27.17 -17.78
CA THR D 100 18.29 27.82 -18.84
C THR D 100 19.63 27.13 -18.95
N THR D 101 20.41 27.57 -19.92
CA THR D 101 21.74 27.05 -20.15
C THR D 101 22.65 28.27 -20.37
N GLY D 102 23.97 28.06 -20.35
CA GLY D 102 24.93 29.07 -20.82
C GLY D 102 24.81 29.33 -22.31
N LYS D 103 25.48 28.49 -23.11
CA LYS D 103 25.50 28.56 -24.60
C LYS D 103 24.08 28.77 -25.16
N PRO D 104 23.88 29.80 -26.03
CA PRO D 104 22.56 30.43 -26.20
C PRO D 104 21.39 29.44 -26.31
N GLN D 105 20.66 29.24 -25.19
CA GLN D 105 19.45 28.40 -25.13
C GLN D 105 18.68 28.46 -23.79
N LEU D 106 17.50 27.81 -23.81
CA LEU D 106 16.68 27.40 -22.64
C LEU D 106 16.23 25.93 -22.87
N LEU D 107 16.07 25.14 -21.80
CA LEU D 107 15.66 23.71 -21.87
C LEU D 107 14.41 23.38 -21.05
N VAL D 108 13.48 22.61 -21.65
CA VAL D 108 12.12 22.41 -21.17
C VAL D 108 11.55 20.99 -21.36
N LEU D 109 11.33 20.25 -20.27
CA LEU D 109 10.65 18.97 -20.32
C LEU D 109 9.18 19.23 -20.16
N ASP D 110 8.37 18.72 -21.10
CA ASP D 110 6.91 18.77 -20.97
C ASP D 110 6.51 18.00 -19.67
N GLY D 111 5.46 18.46 -18.99
CA GLY D 111 5.04 17.82 -17.75
C GLY D 111 4.57 16.39 -17.98
N ALA D 112 3.78 16.17 -19.04
CA ALA D 112 3.42 14.82 -19.42
C ALA D 112 4.61 13.93 -19.69
N ASP D 113 5.82 14.47 -19.87
CA ASP D 113 7.05 13.66 -19.95
C ASP D 113 7.74 13.29 -18.63
N ILE D 114 7.46 13.97 -17.52
CA ILE D 114 8.19 13.59 -16.28
C ILE D 114 7.83 12.24 -15.67
N PRO D 115 6.62 11.73 -15.92
CA PRO D 115 6.35 10.35 -15.49
C PRO D 115 7.17 9.28 -16.19
N ARG D 116 7.64 9.58 -17.39
CA ARG D 116 8.45 8.66 -18.18
C ARG D 116 9.92 8.72 -17.85
N VAL D 117 10.31 9.66 -16.99
CA VAL D 117 11.71 9.89 -16.58
C VAL D 117 11.91 9.65 -15.06
N ARG D 118 10.95 10.15 -14.28
CA ARG D 118 10.95 10.02 -12.83
C ARG D 118 11.20 8.60 -12.39
N GLY D 119 12.12 8.44 -11.46
CA GLY D 119 12.63 7.15 -11.01
C GLY D 119 13.18 6.15 -12.00
N LYS D 120 13.73 6.59 -13.12
CA LYS D 120 14.27 5.65 -14.13
C LYS D 120 15.73 5.86 -14.41
N LYS D 121 16.33 4.82 -14.99
CA LYS D 121 17.73 4.88 -15.45
C LYS D 121 17.68 5.47 -16.87
N VAL D 122 17.95 6.74 -17.00
CA VAL D 122 17.88 7.43 -18.27
C VAL D 122 19.19 7.29 -19.05
N ALA D 123 19.10 7.08 -20.36
CA ALA D 123 20.22 7.34 -21.26
C ALA D 123 19.96 8.61 -22.07
N ILE D 124 20.91 9.52 -22.03
CA ILE D 124 20.84 10.75 -22.86
C ILE D 124 21.21 10.38 -24.31
N VAL D 125 20.46 10.87 -25.29
CA VAL D 125 20.78 10.59 -26.66
C VAL D 125 20.85 11.89 -27.43
N ASP D 126 21.93 12.07 -28.16
CA ASP D 126 22.06 13.23 -28.99
C ASP D 126 22.89 12.87 -30.18
N ASP D 127 22.88 13.78 -31.15
CA ASP D 127 23.67 13.62 -32.34
C ASP D 127 25.10 14.03 -32.00
N VAL D 128 25.28 15.12 -31.26
CA VAL D 128 26.62 15.63 -30.97
C VAL D 128 26.72 16.23 -29.57
N VAL D 129 27.54 15.61 -28.72
CA VAL D 129 27.64 16.01 -27.28
C VAL D 129 28.96 16.68 -27.13
N SER D 130 29.03 17.91 -26.62
CA SER D 130 30.14 18.82 -27.09
C SER D 130 30.97 19.53 -26.05
N THR D 131 30.35 20.44 -25.28
CA THR D 131 31.03 21.30 -24.31
C THR D 131 30.52 20.75 -22.99
N GLY D 132 29.44 21.31 -22.46
CA GLY D 132 29.06 21.14 -21.09
C GLY D 132 27.69 21.74 -20.79
N SER D 133 27.53 23.03 -21.09
CA SER D 133 26.31 23.76 -20.67
C SER D 133 25.00 23.05 -21.08
N THR D 134 24.94 22.56 -22.30
CA THR D 134 23.75 21.93 -22.85
C THR D 134 23.50 20.51 -22.30
N LEU D 135 24.55 19.70 -22.21
CA LEU D 135 24.46 18.37 -21.61
C LEU D 135 24.17 18.52 -20.10
N ALA D 136 25.02 19.26 -19.38
CA ALA D 136 24.85 19.54 -17.93
C ALA D 136 23.52 20.20 -17.62
N GLY D 137 23.05 21.01 -18.57
CA GLY D 137 21.66 21.50 -18.53
C GLY D 137 20.65 20.34 -18.61
N LEU D 138 20.80 19.46 -19.61
CA LEU D 138 19.89 18.31 -19.71
C LEU D 138 20.09 17.35 -18.51
N ARG D 139 21.35 17.18 -18.03
CA ARG D 139 21.62 16.32 -16.84
C ARG D 139 20.82 16.79 -15.60
N GLU D 140 20.82 18.10 -15.35
CA GLU D 140 20.19 18.66 -14.16
C GLU D 140 18.67 18.63 -14.30
N LEU D 141 18.17 18.91 -15.50
CA LEU D 141 16.77 18.75 -15.80
C LEU D 141 16.31 17.28 -15.57
N ILE D 142 17.08 16.27 -16.03
CA ILE D 142 16.75 14.85 -15.80
C ILE D 142 16.64 14.60 -14.30
N GLU D 143 17.75 14.82 -13.59
CA GLU D 143 17.86 14.42 -12.19
C GLU D 143 16.99 15.29 -11.24
N SER D 144 16.60 16.50 -11.69
CA SER D 144 15.57 17.30 -10.95
C SER D 144 14.34 16.44 -10.68
N VAL D 145 13.92 15.80 -11.74
CA VAL D 145 12.64 15.21 -11.91
C VAL D 145 12.63 13.87 -11.26
N GLY D 146 13.80 13.25 -11.14
CA GLY D 146 13.92 11.97 -10.49
C GLY D 146 14.62 10.91 -11.29
N GLY D 147 15.15 11.26 -12.46
CA GLY D 147 15.89 10.29 -13.29
C GLY D 147 17.27 10.15 -12.76
N GLU D 148 17.92 9.04 -13.07
CA GLU D 148 19.37 8.88 -12.89
C GLU D 148 20.00 8.67 -14.28
N VAL D 149 20.84 9.58 -14.74
CA VAL D 149 21.48 9.41 -16.06
C VAL D 149 22.58 8.36 -15.92
N VAL D 150 22.36 7.22 -16.58
CA VAL D 150 23.30 6.08 -16.54
C VAL D 150 24.09 5.84 -17.83
N ALA D 151 23.87 6.67 -18.82
CA ALA D 151 24.63 6.65 -20.05
C ALA D 151 24.33 7.93 -20.81
N VAL D 152 25.28 8.23 -21.71
CA VAL D 152 25.16 9.30 -22.69
C VAL D 152 25.51 8.70 -24.03
N LEU D 153 24.52 8.53 -24.91
CA LEU D 153 24.73 7.97 -26.28
C LEU D 153 24.74 9.06 -27.34
N ALA D 154 25.57 8.86 -28.40
CA ALA D 154 25.81 9.84 -29.46
C ALA D 154 26.59 9.42 -30.75
N VAL D 155 26.24 10.07 -31.86
CA VAL D 155 26.91 9.77 -33.09
C VAL D 155 28.38 10.22 -32.91
N PHE D 156 28.59 11.45 -32.45
CA PHE D 156 29.93 11.92 -32.20
C PHE D 156 30.02 12.61 -30.86
N THR D 157 31.27 12.74 -30.40
CA THR D 157 31.68 13.70 -29.37
C THR D 157 32.57 14.76 -30.01
N GLU D 158 32.80 15.85 -29.31
CA GLU D 158 33.39 17.05 -29.90
C GLU D 158 34.13 17.87 -28.82
N GLY D 159 35.29 18.44 -29.14
CA GLY D 159 36.20 19.04 -28.10
C GLY D 159 37.05 17.94 -27.50
N THR D 160 37.11 17.82 -26.19
CA THR D 160 36.88 16.49 -25.56
C THR D 160 35.91 16.91 -24.48
N PRO D 161 34.61 16.61 -24.64
CA PRO D 161 33.52 17.25 -23.87
C PRO D 161 33.62 17.19 -22.33
N ARG D 162 32.75 18.00 -21.70
CA ARG D 162 32.70 18.05 -20.25
C ARG D 162 32.03 16.81 -19.59
N GLN D 163 31.36 15.93 -20.37
CA GLN D 163 30.71 14.69 -19.85
C GLN D 163 31.14 13.44 -20.68
N ASP D 164 30.77 12.20 -20.22
CA ASP D 164 31.44 10.87 -20.64
C ASP D 164 30.54 9.73 -21.25
N VAL D 165 30.98 9.20 -22.39
CA VAL D 165 30.03 8.95 -23.48
C VAL D 165 30.32 7.66 -24.20
N VAL D 166 29.30 7.13 -24.86
CA VAL D 166 29.51 6.12 -25.87
C VAL D 166 28.98 6.59 -27.27
N ALA D 167 29.81 6.41 -28.25
CA ALA D 167 29.70 7.18 -29.48
C ALA D 167 30.41 6.45 -30.58
N LEU D 168 30.34 6.98 -31.79
CA LEU D 168 30.84 6.32 -33.02
C LEU D 168 32.07 6.99 -33.55
N GLY D 169 32.43 8.12 -32.96
CA GLY D 169 33.61 8.88 -33.37
C GLY D 169 33.72 10.20 -32.61
N HIS D 170 34.62 11.03 -33.06
CA HIS D 170 34.96 12.22 -32.35
C HIS D 170 35.43 13.31 -33.32
N LEU D 171 34.99 14.52 -32.99
CA LEU D 171 35.10 15.70 -33.81
C LEU D 171 36.08 16.68 -33.20
N PRO D 172 36.98 17.24 -34.03
CA PRO D 172 37.76 18.35 -33.51
C PRO D 172 36.98 19.62 -33.83
N LEU D 173 37.61 20.76 -33.56
CA LEU D 173 37.43 22.01 -34.30
C LEU D 173 38.80 22.37 -34.97
N PHE D 174 38.96 22.11 -36.28
CA PHE D 174 40.28 22.30 -37.11
C PHE D 174 41.34 23.29 -36.55
N ARG E 1 -2.81 -39.71 49.60
CA ARG E 1 -3.49 -38.59 50.32
C ARG E 1 -3.30 -37.25 49.59
N THR E 2 -2.08 -36.74 49.60
CA THR E 2 -1.85 -35.31 49.48
C THR E 2 -0.36 -35.07 49.17
N TYR E 3 -0.04 -35.02 47.87
CA TYR E 3 1.33 -35.02 47.33
C TYR E 3 2.03 -33.71 47.67
N PRO E 4 3.27 -33.78 48.19
CA PRO E 4 4.00 -32.57 48.52
C PRO E 4 4.85 -32.12 47.33
N VAL E 5 4.59 -30.91 46.83
CA VAL E 5 5.38 -30.26 45.81
C VAL E 5 6.08 -29.07 46.45
N GLU E 6 7.21 -28.66 45.86
CA GLU E 6 7.89 -27.40 46.18
C GLU E 6 8.14 -26.62 44.89
N ILE E 7 7.52 -25.45 44.76
CA ILE E 7 7.61 -24.61 43.56
C ILE E 7 8.12 -23.25 43.95
N ALA E 8 9.38 -22.94 43.70
CA ALA E 8 9.98 -21.67 44.10
C ALA E 8 9.73 -21.41 45.56
N GLY E 9 10.17 -22.34 46.39
CA GLY E 9 10.00 -22.26 47.85
C GLY E 9 8.54 -22.25 48.35
N VAL E 10 7.63 -22.80 47.55
CA VAL E 10 6.21 -22.84 47.87
C VAL E 10 5.82 -24.30 48.03
N ARG E 11 5.63 -24.71 49.29
CA ARG E 11 5.17 -26.07 49.58
C ARG E 11 3.66 -26.08 49.51
N ARG E 12 3.12 -26.87 48.59
CA ARG E 12 1.68 -27.06 48.49
C ARG E 12 1.36 -28.56 48.36
N GLU E 13 0.41 -29.00 49.17
CA GLU E 13 0.12 -30.41 49.32
C GLU E 13 -1.10 -30.71 48.38
N LEU E 14 -0.85 -30.96 47.10
CA LEU E 14 -1.90 -30.97 46.06
C LEU E 14 -2.70 -32.28 45.94
N PRO E 15 -4.05 -32.20 45.89
CA PRO E 15 -4.90 -33.36 46.11
C PRO E 15 -4.95 -34.28 44.91
N ILE E 16 -5.03 -35.58 45.17
CA ILE E 16 -4.66 -36.60 44.19
C ILE E 16 -5.93 -37.30 43.65
N VAL E 17 -6.12 -37.27 42.34
CA VAL E 17 -7.27 -37.91 41.67
C VAL E 17 -6.78 -38.90 40.61
N GLN E 18 -7.55 -39.98 40.43
CA GLN E 18 -7.21 -41.09 39.53
C GLN E 18 -8.09 -41.05 38.28
N VAL E 19 -7.50 -40.61 37.16
CA VAL E 19 -8.21 -40.47 35.87
C VAL E 19 -7.94 -41.66 34.93
N GLY E 20 -6.69 -42.13 34.92
CA GLY E 20 -6.33 -43.39 34.26
C GLY E 20 -6.81 -44.59 35.08
N PRO E 21 -6.26 -45.79 34.81
CA PRO E 21 -6.79 -47.00 35.47
C PRO E 21 -6.72 -46.99 37.01
N GLY E 22 -5.52 -46.89 37.56
CA GLY E 22 -5.29 -46.66 38.99
C GLY E 22 -4.45 -45.42 39.26
N VAL E 23 -3.41 -45.26 38.45
CA VAL E 23 -2.60 -44.04 38.30
C VAL E 23 -3.27 -42.71 38.64
N ALA E 24 -2.55 -41.85 39.36
CA ALA E 24 -3.11 -40.64 39.95
C ALA E 24 -2.11 -39.49 40.08
N VAL E 25 -2.38 -38.40 39.36
CA VAL E 25 -1.61 -37.15 39.52
C VAL E 25 -2.45 -36.09 40.18
N ALA E 26 -1.75 -35.35 41.03
CA ALA E 26 -2.26 -34.18 41.71
C ALA E 26 -2.72 -33.12 40.71
N LEU E 27 -3.80 -32.47 41.08
CA LEU E 27 -4.40 -31.42 40.27
C LEU E 27 -3.95 -30.08 40.77
N LEU E 28 -3.18 -29.33 40.00
CA LEU E 28 -2.96 -27.91 40.37
C LEU E 28 -4.26 -27.16 40.20
N ASN E 29 -4.72 -26.55 41.30
CA ASN E 29 -5.74 -25.50 41.22
C ASN E 29 -5.12 -24.19 41.68
N LEU E 30 -4.50 -23.47 40.73
CA LEU E 30 -4.09 -22.07 40.91
C LEU E 30 -5.19 -21.00 41.14
N LEU E 31 -6.47 -21.35 41.21
CA LEU E 31 -7.56 -20.36 41.37
C LEU E 31 -7.51 -19.70 42.74
N GLY E 32 -7.89 -20.39 43.80
CA GLY E 32 -7.81 -19.71 45.10
C GLY E 32 -6.45 -19.11 45.52
N ASP E 33 -5.35 -19.52 44.86
CA ASP E 33 -4.04 -19.37 45.45
C ASP E 33 -3.13 -18.29 44.86
N THR E 34 -3.29 -17.12 45.44
CA THR E 34 -2.49 -15.99 45.14
C THR E 34 -0.96 -16.17 45.31
N GLU E 35 -0.49 -17.02 46.23
CA GLU E 35 0.97 -17.09 46.50
C GLU E 35 1.69 -17.97 45.52
N LEU E 36 1.19 -19.19 45.32
CA LEU E 36 1.76 -20.10 44.34
C LEU E 36 1.80 -19.41 42.95
N THR E 37 0.67 -18.84 42.52
CA THR E 37 0.61 -18.21 41.20
C THR E 37 1.72 -17.18 40.97
N GLU E 38 1.96 -16.32 41.95
CA GLU E 38 3.04 -15.33 41.84
C GLU E 38 4.47 -15.87 42.05
N ALA E 39 4.58 -16.98 42.78
CA ALA E 39 5.83 -17.70 42.89
C ALA E 39 6.19 -18.27 41.53
N ALA E 40 5.26 -19.05 40.96
CA ALA E 40 5.47 -19.67 39.67
C ALA E 40 5.74 -18.64 38.58
N ALA E 41 4.97 -17.55 38.54
CA ALA E 41 5.13 -16.63 37.43
C ALA E 41 6.52 -16.01 37.50
N GLU E 42 6.96 -15.58 38.69
CA GLU E 42 8.26 -14.95 38.81
C GLU E 42 9.34 -15.93 38.40
N ALA E 43 9.19 -17.18 38.80
CA ALA E 43 10.12 -18.20 38.41
C ALA E 43 10.11 -18.31 36.88
N LEU E 44 8.93 -18.58 36.31
CA LEU E 44 8.82 -18.80 34.86
C LEU E 44 9.25 -17.56 34.01
N ALA E 45 9.01 -16.37 34.52
CA ALA E 45 9.40 -15.15 33.86
C ALA E 45 10.89 -15.07 33.50
N LYS E 46 11.74 -15.57 34.39
CA LYS E 46 13.18 -15.62 34.14
C LYS E 46 13.53 -16.51 32.91
N ARG E 47 12.74 -17.57 32.68
CA ARG E 47 13.05 -18.56 31.65
C ARG E 47 12.31 -18.37 30.31
N LEU E 48 11.56 -17.30 30.13
CA LEU E 48 10.95 -16.99 28.81
C LEU E 48 12.01 -16.49 27.83
N PRO E 49 12.20 -17.19 26.70
CA PRO E 49 13.03 -16.59 25.64
C PRO E 49 12.63 -15.14 25.32
N PRO E 50 13.55 -14.18 25.50
CA PRO E 50 13.32 -12.79 25.18
C PRO E 50 12.51 -12.48 23.90
N GLU E 51 12.70 -13.29 22.85
CA GLU E 51 11.99 -13.13 21.56
C GLU E 51 10.50 -13.56 21.48
N VAL E 52 9.95 -14.10 22.57
CA VAL E 52 8.52 -14.36 22.68
C VAL E 52 7.79 -13.02 22.60
N GLU E 53 6.72 -12.98 21.82
CA GLU E 53 5.87 -11.81 21.66
C GLU E 53 4.44 -11.90 22.18
N VAL E 54 3.95 -13.07 22.62
CA VAL E 54 2.59 -13.17 23.20
C VAL E 54 2.33 -14.53 23.85
N LEU E 55 1.61 -14.53 24.96
CA LEU E 55 1.33 -15.71 25.74
C LEU E 55 -0.07 -16.28 25.43
N VAL E 56 -0.18 -17.61 25.46
CA VAL E 56 -1.46 -18.27 25.21
C VAL E 56 -1.71 -19.36 26.23
N THR E 57 -2.98 -19.51 26.63
CA THR E 57 -3.44 -20.64 27.47
C THR E 57 -4.88 -21.07 27.10
N PRO E 58 -5.35 -22.22 27.66
CA PRO E 58 -6.81 -22.44 27.86
C PRO E 58 -7.38 -21.88 29.20
N GLU E 59 -8.68 -21.51 29.16
CA GLU E 59 -9.42 -20.72 30.20
C GLU E 59 -9.27 -21.12 31.65
N VAL E 60 -9.06 -22.41 31.91
CA VAL E 60 -9.43 -22.97 33.21
C VAL E 60 -8.41 -22.55 34.28
N LYS E 61 -7.83 -23.47 35.04
CA LYS E 61 -7.20 -23.04 36.29
C LYS E 61 -5.97 -22.11 36.08
N ALA E 62 -5.55 -21.91 34.82
CA ALA E 62 -4.24 -21.40 34.44
C ALA E 62 -4.21 -19.91 34.21
N VAL E 63 -5.35 -19.25 33.97
CA VAL E 63 -5.28 -17.87 33.58
C VAL E 63 -4.69 -16.94 34.67
N PRO E 64 -4.81 -17.32 35.97
CA PRO E 64 -3.99 -16.61 37.01
C PRO E 64 -2.47 -16.52 36.68
N LEU E 65 -1.96 -17.60 36.08
CA LEU E 65 -0.56 -17.69 35.67
C LEU E 65 -0.24 -16.78 34.49
N ALA E 66 -1.02 -16.86 33.41
CA ALA E 66 -0.81 -15.99 32.19
C ALA E 66 -0.97 -14.52 32.49
N HIS E 67 -1.83 -14.17 33.41
CA HIS E 67 -1.99 -12.78 33.80
C HIS E 67 -0.75 -12.31 34.55
N ALA E 68 -0.40 -13.09 35.59
CA ALA E 68 0.79 -12.83 36.40
C ALA E 68 2.05 -12.85 35.54
N LEU E 69 2.07 -13.70 34.52
CA LEU E 69 3.21 -13.74 33.58
C LEU E 69 3.24 -12.50 32.67
N SER E 70 2.05 -12.05 32.24
CA SER E 70 1.90 -10.83 31.46
C SER E 70 2.31 -9.56 32.21
N ARG E 71 1.94 -9.48 33.50
CA ARG E 71 2.22 -8.31 34.31
C ARG E 71 3.74 -8.07 34.39
N ILE E 72 4.44 -9.14 34.79
CA ILE E 72 5.89 -9.08 35.01
C ILE E 72 6.68 -9.06 33.70
N THR E 73 6.24 -9.77 32.66
CA THR E 73 6.96 -9.82 31.38
C THR E 73 6.66 -8.65 30.36
N GLY E 74 5.63 -7.85 30.62
CA GLY E 74 5.16 -6.81 29.69
C GLY E 74 4.43 -7.29 28.43
N LYS E 75 4.23 -8.58 28.28
CA LYS E 75 3.76 -9.11 27.03
C LYS E 75 2.30 -9.61 27.25
N PRO E 76 1.43 -9.33 26.26
CA PRO E 76 0.03 -9.63 26.40
C PRO E 76 -0.27 -11.13 26.39
N TYR E 77 -1.44 -11.49 26.86
CA TYR E 77 -1.80 -12.90 26.88
C TYR E 77 -3.20 -13.09 26.31
N VAL E 78 -3.50 -14.31 25.87
CA VAL E 78 -4.68 -14.65 25.02
C VAL E 78 -5.26 -16.01 25.55
N VAL E 79 -6.56 -16.03 25.77
CA VAL E 79 -7.15 -17.13 26.48
C VAL E 79 -8.01 -17.95 25.55
N ALA E 80 -7.53 -19.16 25.20
CA ALA E 80 -8.32 -20.12 24.50
C ALA E 80 -9.33 -20.80 25.48
N ARG E 81 -10.45 -21.30 24.96
CA ARG E 81 -11.56 -21.82 25.81
C ARG E 81 -11.95 -23.24 25.35
N LYS E 82 -12.62 -24.00 26.22
CA LYS E 82 -13.03 -25.38 25.90
C LYS E 82 -14.24 -25.40 24.96
N THR E 83 -15.01 -24.29 24.89
CA THR E 83 -16.09 -24.13 23.92
C THR E 83 -16.25 -22.66 23.47
N GLU E 84 -17.03 -22.45 22.41
CA GLU E 84 -17.54 -21.12 22.02
C GLU E 84 -18.37 -20.53 23.19
N LYS E 85 -17.81 -19.56 23.89
CA LYS E 85 -18.28 -19.29 25.23
C LYS E 85 -19.58 -18.48 25.19
N PRO E 86 -20.49 -18.68 26.18
CA PRO E 86 -21.63 -17.77 26.28
C PRO E 86 -21.24 -16.30 25.98
N TYR E 87 -21.99 -15.66 25.12
CA TYR E 87 -21.59 -14.40 24.47
C TYR E 87 -20.36 -14.59 23.56
N MET E 88 -20.40 -15.65 22.75
CA MET E 88 -19.46 -15.90 21.62
C MET E 88 -20.18 -16.16 20.29
N ILE E 89 -21.34 -16.83 20.33
CA ILE E 89 -22.36 -16.68 19.27
C ILE E 89 -23.32 -15.60 19.76
N ASN E 90 -22.86 -14.37 19.64
CA ASN E 90 -23.70 -13.18 19.77
C ASN E 90 -23.02 -12.12 18.91
N PRO E 91 -23.69 -10.98 18.69
CA PRO E 91 -23.02 -9.89 17.92
C PRO E 91 -21.87 -9.22 18.68
N VAL E 92 -20.86 -10.01 19.10
CA VAL E 92 -19.77 -9.49 19.96
C VAL E 92 -18.46 -10.34 19.92
N SER E 93 -18.41 -11.54 20.53
CA SER E 93 -17.16 -12.35 20.50
C SER E 93 -17.18 -13.22 19.25
N ARG E 94 -17.32 -12.56 18.10
CA ARG E 94 -17.80 -13.18 16.86
C ARG E 94 -16.67 -13.93 16.14
N GLN E 95 -17.07 -14.81 15.23
CA GLN E 95 -16.19 -15.51 14.30
C GLN E 95 -15.05 -16.26 15.00
N VAL E 96 -15.44 -17.04 16.01
CA VAL E 96 -14.54 -17.89 16.80
C VAL E 96 -13.89 -18.98 15.94
N LEU E 97 -12.67 -19.38 16.33
CA LEU E 97 -11.90 -20.45 15.66
C LEU E 97 -12.08 -21.75 16.41
N SER E 98 -12.03 -22.87 15.72
CA SER E 98 -12.38 -24.16 16.32
C SER E 98 -11.55 -25.30 15.74
N ILE E 99 -11.21 -26.27 16.60
CA ILE E 99 -10.63 -27.56 16.20
C ILE E 99 -11.19 -28.67 17.13
N THR E 100 -10.67 -29.91 17.01
CA THR E 100 -11.06 -31.05 17.87
C THR E 100 -9.81 -31.80 18.40
N THR E 101 -10.02 -32.81 19.25
CA THR E 101 -8.93 -33.44 20.04
C THR E 101 -9.10 -34.98 20.17
N GLY E 102 -7.97 -35.69 20.26
CA GLY E 102 -7.94 -37.16 20.45
C GLY E 102 -8.29 -37.62 21.86
N LYS E 103 -7.85 -36.87 22.86
CA LYS E 103 -8.45 -36.91 24.20
C LYS E 103 -9.87 -36.29 24.07
N PRO E 104 -10.84 -36.74 24.90
CA PRO E 104 -12.11 -35.99 24.90
C PRO E 104 -11.92 -34.48 25.23
N GLN E 105 -11.97 -33.64 24.18
CA GLN E 105 -11.73 -32.17 24.30
C GLN E 105 -12.16 -31.39 23.02
N LEU E 106 -12.14 -30.06 23.11
CA LEU E 106 -12.32 -29.11 21.99
C LEU E 106 -11.66 -27.79 22.42
N LEU E 107 -10.93 -27.11 21.52
CA LEU E 107 -10.16 -25.92 21.89
C LEU E 107 -10.42 -24.75 20.94
N VAL E 108 -11.00 -23.67 21.49
CA VAL E 108 -11.35 -22.48 20.66
C VAL E 108 -10.53 -21.21 21.01
N LEU E 109 -10.07 -20.51 19.97
CA LEU E 109 -9.59 -19.13 20.11
C LEU E 109 -10.68 -18.21 19.62
N ASP E 110 -10.91 -17.11 20.33
CA ASP E 110 -11.85 -16.07 19.92
C ASP E 110 -11.29 -15.30 18.69
N GLY E 111 -12.17 -15.07 17.72
CA GLY E 111 -11.88 -14.25 16.51
C GLY E 111 -11.27 -12.88 16.78
N ALA E 112 -11.74 -12.22 17.83
CA ALA E 112 -11.16 -10.95 18.29
C ALA E 112 -9.70 -11.02 18.81
N ASP E 113 -9.17 -12.22 19.06
CA ASP E 113 -7.76 -12.45 19.41
C ASP E 113 -6.84 -12.89 18.28
N ILE E 114 -7.37 -13.20 17.08
CA ILE E 114 -6.47 -13.55 15.95
C ILE E 114 -5.57 -12.36 15.57
N PRO E 115 -6.07 -11.11 15.75
CA PRO E 115 -5.23 -9.93 15.49
C PRO E 115 -4.07 -9.65 16.45
N ARG E 116 -3.88 -10.42 17.53
CA ARG E 116 -2.59 -10.37 18.26
C ARG E 116 -1.72 -11.44 17.67
N VAL E 117 -2.13 -12.69 17.90
CA VAL E 117 -1.37 -13.90 17.53
C VAL E 117 -0.85 -13.93 16.06
N ARG E 118 -1.57 -13.32 15.11
CA ARG E 118 -1.13 -13.23 13.69
C ARG E 118 0.33 -12.85 13.63
N GLY E 119 1.11 -13.62 12.85
CA GLY E 119 2.52 -13.34 12.66
C GLY E 119 3.37 -13.16 13.90
N LYS E 120 3.01 -13.80 15.03
CA LYS E 120 3.70 -13.56 16.31
C LYS E 120 4.34 -14.77 16.92
N LYS E 121 5.49 -14.54 17.56
CA LYS E 121 6.26 -15.61 18.21
C LYS E 121 5.57 -15.91 19.55
N VAL E 122 4.85 -17.03 19.57
CA VAL E 122 3.92 -17.37 20.65
C VAL E 122 4.58 -18.28 21.68
N ALA E 123 4.16 -18.13 22.94
CA ALA E 123 4.56 -19.07 23.99
C ALA E 123 3.31 -19.61 24.67
N ILE E 124 3.03 -20.90 24.50
CA ILE E 124 1.91 -21.53 25.26
C ILE E 124 2.31 -21.52 26.76
N VAL E 125 1.39 -21.16 27.65
CA VAL E 125 1.58 -21.32 29.07
C VAL E 125 0.38 -22.07 29.65
N ASP E 126 0.61 -23.18 30.36
CA ASP E 126 -0.46 -23.95 31.04
C ASP E 126 -0.07 -24.29 32.47
N ASP E 127 -1.01 -24.70 33.37
CA ASP E 127 -0.67 -25.03 34.79
C ASP E 127 0.11 -26.37 34.95
N VAL E 128 -0.15 -27.27 34.02
CA VAL E 128 0.31 -28.65 34.02
C VAL E 128 0.22 -29.15 32.57
N VAL E 129 1.30 -29.73 32.03
CA VAL E 129 1.25 -30.41 30.71
C VAL E 129 1.16 -31.93 30.95
N SER E 130 -0.05 -32.48 30.82
CA SER E 130 -0.43 -33.84 31.27
C SER E 130 0.12 -34.88 30.31
N THR E 131 -0.76 -35.55 29.53
CA THR E 131 -0.34 -35.99 28.21
C THR E 131 0.02 -34.69 27.51
N GLY E 132 -0.83 -33.68 27.65
CA GLY E 132 -0.76 -32.49 26.82
C GLY E 132 -1.41 -32.83 25.51
N SER E 133 -2.50 -33.59 25.59
CA SER E 133 -3.31 -33.93 24.42
C SER E 133 -4.05 -32.66 23.98
N THR E 134 -4.27 -31.75 24.93
CA THR E 134 -4.66 -30.38 24.67
C THR E 134 -3.54 -29.62 23.91
N LEU E 135 -2.30 -29.75 24.38
CA LEU E 135 -1.11 -29.07 23.82
C LEU E 135 -0.91 -29.21 22.32
N ALA E 136 -1.17 -30.40 21.79
CA ALA E 136 -1.02 -30.67 20.35
C ALA E 136 -1.96 -29.75 19.55
N GLY E 137 -3.24 -29.80 19.89
CA GLY E 137 -4.25 -28.96 19.25
C GLY E 137 -4.05 -27.47 19.40
N LEU E 138 -3.49 -27.04 20.54
CA LEU E 138 -3.16 -25.61 20.74
C LEU E 138 -2.19 -25.12 19.68
N ARG E 139 -1.13 -25.88 19.42
CA ARG E 139 -0.19 -25.56 18.37
C ARG E 139 -0.86 -25.53 16.98
N GLU E 140 -1.82 -26.42 16.73
CA GLU E 140 -2.56 -26.38 15.46
C GLU E 140 -3.60 -25.24 15.36
N LEU E 141 -4.11 -24.73 16.48
CA LEU E 141 -4.91 -23.46 16.45
C LEU E 141 -4.05 -22.23 16.32
N ILE E 142 -2.88 -22.24 16.95
CA ILE E 142 -2.02 -21.07 16.93
C ILE E 142 -1.46 -20.84 15.52
N GLU E 143 -0.82 -21.91 14.99
CA GLU E 143 -0.34 -21.99 13.61
C GLU E 143 -1.41 -21.70 12.57
N SER E 144 -2.65 -22.11 12.83
CA SER E 144 -3.82 -21.73 12.01
C SER E 144 -3.88 -20.24 11.75
N VAL E 145 -3.81 -19.52 12.86
CA VAL E 145 -3.97 -18.07 12.89
C VAL E 145 -2.83 -17.30 12.20
N GLY E 146 -1.67 -17.92 12.00
CA GLY E 146 -0.43 -17.22 11.66
C GLY E 146 0.55 -17.14 12.82
N GLY E 147 0.39 -17.99 13.85
CA GLY E 147 1.13 -17.89 15.13
C GLY E 147 2.30 -18.81 15.07
N GLU E 148 3.36 -18.50 15.82
CA GLU E 148 4.64 -19.24 15.74
C GLU E 148 5.07 -19.74 17.13
N VAL E 149 4.52 -20.85 17.61
CA VAL E 149 4.92 -21.36 18.93
C VAL E 149 6.43 -21.61 19.00
N VAL E 150 7.16 -20.66 19.62
CA VAL E 150 8.59 -20.84 19.99
C VAL E 150 8.82 -21.32 21.46
N ALA E 151 7.79 -21.34 22.30
CA ALA E 151 7.94 -21.95 23.63
C ALA E 151 6.67 -22.65 24.12
N VAL E 152 6.83 -23.45 25.16
CA VAL E 152 5.75 -24.17 25.80
C VAL E 152 6.12 -24.23 27.27
N LEU E 153 5.39 -23.46 28.07
CA LEU E 153 5.70 -23.30 29.48
C LEU E 153 4.63 -23.85 30.37
N ALA E 154 5.04 -24.54 31.43
CA ALA E 154 4.09 -24.88 32.48
C ALA E 154 4.73 -24.97 33.85
N VAL E 155 3.90 -24.83 34.87
CA VAL E 155 4.37 -24.99 36.24
C VAL E 155 4.86 -26.43 36.39
N PHE E 156 4.16 -27.39 35.77
CA PHE E 156 4.53 -28.79 35.83
C PHE E 156 4.38 -29.59 34.53
N THR E 157 5.35 -30.46 34.27
CA THR E 157 5.17 -31.57 33.29
C THR E 157 4.69 -32.85 34.00
N GLU E 158 4.10 -33.78 33.25
CA GLU E 158 3.45 -34.97 33.87
C GLU E 158 3.43 -36.19 32.96
N GLY E 159 4.06 -37.31 33.39
CA GLY E 159 4.45 -38.40 32.50
C GLY E 159 5.83 -38.11 31.91
N THR E 160 5.86 -37.23 30.88
CA THR E 160 7.07 -36.57 30.35
C THR E 160 6.65 -35.47 29.34
N PRO E 161 7.57 -34.57 28.90
CA PRO E 161 7.10 -33.45 28.04
C PRO E 161 6.80 -33.91 26.60
N ARG E 162 5.52 -33.89 26.18
CA ARG E 162 5.07 -34.62 24.95
C ARG E 162 5.67 -34.12 23.63
N GLN E 163 5.79 -32.80 23.50
CA GLN E 163 6.67 -32.16 22.52
C GLN E 163 7.57 -31.20 23.36
N ASP E 164 8.39 -30.37 22.70
CA ASP E 164 9.51 -29.67 23.40
C ASP E 164 9.11 -28.59 24.46
N VAL E 165 9.53 -28.80 25.72
CA VAL E 165 9.08 -27.99 26.88
C VAL E 165 10.24 -27.60 27.80
N VAL E 166 9.99 -26.56 28.60
CA VAL E 166 10.72 -26.30 29.84
C VAL E 166 9.70 -25.85 30.89
N ALA E 167 9.90 -26.25 32.13
CA ALA E 167 8.84 -26.17 33.18
C ALA E 167 9.46 -25.86 34.56
N LEU E 168 8.80 -26.29 35.64
CA LEU E 168 9.31 -26.04 36.99
C LEU E 168 9.34 -27.27 37.90
N GLY E 169 9.30 -28.44 37.28
CA GLY E 169 9.18 -29.71 37.97
C GLY E 169 8.36 -30.69 37.15
N HIS E 170 8.54 -31.97 37.43
CA HIS E 170 7.80 -33.05 36.77
C HIS E 170 6.88 -33.76 37.80
N LEU E 171 5.69 -34.21 37.37
CA LEU E 171 4.71 -34.87 38.27
C LEU E 171 4.58 -36.38 37.99
N PRO E 172 4.66 -37.20 39.04
CA PRO E 172 4.39 -38.63 38.89
C PRO E 172 2.91 -38.99 38.77
N LEU E 173 2.65 -40.29 38.61
CA LEU E 173 1.30 -40.87 38.54
C LEU E 173 1.17 -41.96 39.63
N PHE E 174 0.58 -41.61 40.78
CA PHE E 174 0.36 -42.56 41.89
C PHE E 174 -0.66 -43.69 41.59
N ARG F 1 -23.33 0.27 18.38
CA ARG F 1 -21.90 0.26 17.96
C ARG F 1 -20.93 0.00 19.19
N THR F 2 -20.34 1.03 19.78
CA THR F 2 -19.28 0.85 20.78
C THR F 2 -19.47 1.87 21.88
N TYR F 3 -19.08 1.51 23.09
CA TYR F 3 -19.39 2.34 24.24
C TYR F 3 -18.12 2.79 25.01
N PRO F 4 -17.96 4.13 25.20
CA PRO F 4 -16.78 4.65 25.93
C PRO F 4 -16.78 4.37 27.42
N VAL F 5 -15.65 3.89 27.92
CA VAL F 5 -15.43 3.76 29.34
C VAL F 5 -13.98 4.06 29.64
N GLU F 6 -13.73 4.60 30.83
CA GLU F 6 -12.39 4.58 31.38
C GLU F 6 -12.38 4.36 32.88
N ILE F 7 -11.37 3.61 33.31
CA ILE F 7 -11.11 3.23 34.71
C ILE F 7 -9.71 3.64 35.03
N ALA F 8 -9.59 4.57 35.99
CA ALA F 8 -8.31 5.08 36.52
C ALA F 8 -7.29 5.48 35.39
N GLY F 9 -7.77 6.28 34.46
CA GLY F 9 -6.99 6.75 33.34
C GLY F 9 -6.69 5.76 32.19
N VAL F 10 -7.19 4.50 32.27
CA VAL F 10 -7.16 3.52 31.14
C VAL F 10 -8.45 3.64 30.31
N ARG F 11 -8.30 3.96 29.02
CA ARG F 11 -9.46 4.17 28.18
C ARG F 11 -9.73 2.96 27.26
N ARG F 12 -11.00 2.66 27.07
CA ARG F 12 -11.43 1.56 26.27
C ARG F 12 -12.76 1.92 25.65
N GLU F 13 -13.15 1.12 24.69
CA GLU F 13 -14.29 1.31 23.87
C GLU F 13 -14.87 -0.11 23.70
N LEU F 14 -15.82 -0.44 24.53
CA LEU F 14 -16.40 -1.77 24.57
C LEU F 14 -17.37 -2.00 23.41
N PRO F 15 -17.41 -3.22 22.86
CA PRO F 15 -18.46 -3.51 21.88
C PRO F 15 -19.80 -3.76 22.55
N ILE F 16 -20.85 -3.17 21.97
CA ILE F 16 -22.21 -3.38 22.47
C ILE F 16 -22.72 -4.74 21.93
N VAL F 17 -23.11 -5.62 22.87
CA VAL F 17 -23.52 -7.03 22.58
C VAL F 17 -25.03 -7.21 22.82
N GLN F 18 -25.66 -8.11 22.06
CA GLN F 18 -27.09 -8.40 22.30
C GLN F 18 -27.28 -9.72 23.05
N VAL F 19 -27.79 -9.58 24.27
CA VAL F 19 -28.45 -10.63 25.02
C VAL F 19 -29.89 -10.13 25.22
N GLY F 20 -30.04 -8.93 25.80
CA GLY F 20 -31.25 -8.13 25.71
C GLY F 20 -31.22 -7.35 24.40
N PRO F 21 -32.27 -7.48 23.55
CA PRO F 21 -32.11 -7.11 22.12
C PRO F 21 -32.13 -5.59 21.79
N GLY F 22 -31.03 -5.05 21.22
CA GLY F 22 -30.97 -3.65 20.73
C GLY F 22 -30.27 -2.61 21.61
N VAL F 23 -30.52 -2.67 22.92
CA VAL F 23 -29.95 -1.70 23.94
C VAL F 23 -28.39 -1.59 24.06
N ALA F 24 -27.91 -0.58 24.81
CA ALA F 24 -26.46 -0.21 24.83
C ALA F 24 -25.62 -0.98 25.86
N VAL F 25 -25.51 -2.30 25.64
CA VAL F 25 -24.95 -3.30 26.62
C VAL F 25 -23.47 -3.68 26.32
N ALA F 26 -22.57 -2.85 26.87
CA ALA F 26 -21.11 -2.96 26.76
C ALA F 26 -20.59 -4.27 27.29
N LEU F 27 -19.73 -4.90 26.49
CA LEU F 27 -19.08 -6.17 26.81
C LEU F 27 -17.76 -5.91 27.56
N LEU F 28 -17.61 -6.40 28.78
CA LEU F 28 -16.34 -6.29 29.52
C LEU F 28 -15.56 -7.56 29.43
N ASN F 29 -14.24 -7.41 29.34
CA ASN F 29 -13.39 -8.36 28.72
C ASN F 29 -12.01 -8.23 29.37
N LEU F 30 -11.94 -8.64 30.63
CA LEU F 30 -10.65 -8.75 31.38
C LEU F 30 -9.76 -9.91 30.95
N LEU F 31 -10.35 -11.03 30.59
CA LEU F 31 -9.60 -12.16 30.09
C LEU F 31 -8.82 -11.68 28.84
N GLY F 32 -7.53 -11.45 29.07
CA GLY F 32 -6.53 -11.03 28.07
C GLY F 32 -6.19 -9.54 28.06
N ASP F 33 -6.72 -8.78 28.98
CA ASP F 33 -6.46 -7.33 29.05
C ASP F 33 -5.87 -7.04 30.43
N THR F 34 -4.58 -7.27 30.49
CA THR F 34 -3.85 -7.16 31.73
C THR F 34 -3.86 -5.71 32.30
N GLU F 35 -3.65 -4.72 31.45
CA GLU F 35 -3.59 -3.32 31.81
C GLU F 35 -4.93 -2.84 32.33
N LEU F 36 -6.03 -3.16 31.67
CA LEU F 36 -7.33 -2.87 32.31
C LEU F 36 -7.41 -3.55 33.67
N THR F 37 -7.04 -4.83 33.76
CA THR F 37 -7.31 -5.64 34.94
C THR F 37 -6.57 -5.04 36.18
N GLU F 38 -5.30 -4.67 36.06
CA GLU F 38 -4.67 -4.04 37.22
C GLU F 38 -5.14 -2.65 37.60
N ALA F 39 -5.43 -1.82 36.61
CA ALA F 39 -6.07 -0.50 36.81
C ALA F 39 -7.41 -0.65 37.55
N ALA F 40 -8.24 -1.61 37.16
CA ALA F 40 -9.42 -1.96 37.98
C ALA F 40 -9.06 -2.44 39.41
N ALA F 41 -8.05 -3.29 39.53
CA ALA F 41 -7.66 -3.88 40.83
C ALA F 41 -7.09 -2.83 41.80
N GLU F 42 -6.26 -1.89 41.29
CA GLU F 42 -5.75 -0.77 42.09
C GLU F 42 -6.89 0.11 42.58
N ALA F 43 -7.79 0.49 41.66
CA ALA F 43 -8.88 1.36 42.01
C ALA F 43 -9.87 0.64 42.90
N LEU F 44 -10.20 -0.61 42.63
CA LEU F 44 -11.13 -1.30 43.58
C LEU F 44 -10.55 -1.59 44.99
N ALA F 45 -9.22 -1.80 45.08
CA ALA F 45 -8.53 -2.06 46.36
C ALA F 45 -8.68 -0.95 47.37
N LYS F 46 -8.50 0.28 46.91
CA LYS F 46 -8.66 1.44 47.76
C LYS F 46 -10.12 1.68 48.25
N ARG F 47 -11.11 1.08 47.57
CA ARG F 47 -12.51 1.05 48.05
C ARG F 47 -12.85 -0.09 48.99
N LEU F 48 -11.98 -1.10 49.04
CA LEU F 48 -12.14 -2.30 49.86
C LEU F 48 -12.31 -1.92 51.36
N PRO F 49 -13.54 -2.01 51.89
CA PRO F 49 -13.73 -1.64 53.30
C PRO F 49 -12.68 -2.29 54.19
N PRO F 50 -11.96 -1.48 55.02
CA PRO F 50 -10.68 -1.82 55.68
C PRO F 50 -10.24 -3.31 55.72
N GLU F 51 -10.45 -4.03 56.82
CA GLU F 51 -9.65 -5.24 57.15
C GLU F 51 -10.20 -6.53 56.56
N VAL F 52 -11.09 -6.43 55.55
CA VAL F 52 -11.94 -7.56 55.02
C VAL F 52 -11.11 -8.81 54.75
N GLU F 53 -11.72 -9.99 54.85
CA GLU F 53 -10.93 -11.22 54.99
C GLU F 53 -10.75 -12.06 53.71
N VAL F 54 -11.84 -12.27 52.99
CA VAL F 54 -11.88 -13.17 51.84
C VAL F 54 -12.71 -12.57 50.67
N LEU F 55 -12.20 -12.72 49.45
CA LEU F 55 -12.88 -12.21 48.22
C LEU F 55 -13.57 -13.39 47.57
N VAL F 56 -14.75 -13.21 47.00
CA VAL F 56 -15.43 -14.35 46.39
C VAL F 56 -15.95 -13.94 45.03
N THR F 57 -15.55 -14.68 43.98
CA THR F 57 -16.00 -14.35 42.63
C THR F 57 -16.63 -15.51 41.84
N PRO F 58 -17.77 -15.26 41.14
CA PRO F 58 -18.42 -16.28 40.26
C PRO F 58 -17.86 -16.40 38.81
N GLU F 59 -17.22 -17.55 38.56
CA GLU F 59 -16.71 -17.99 37.22
C GLU F 59 -16.04 -16.90 36.34
N VAL F 60 -16.67 -16.65 35.20
CA VAL F 60 -15.99 -16.17 33.98
C VAL F 60 -14.79 -15.19 34.17
N LYS F 61 -15.03 -13.90 33.97
CA LYS F 61 -13.98 -12.98 33.60
C LYS F 61 -13.51 -12.07 34.73
N ALA F 62 -13.86 -12.41 35.98
CA ALA F 62 -13.38 -11.71 37.18
C ALA F 62 -12.16 -12.39 37.84
N VAL F 63 -11.82 -13.62 37.49
CA VAL F 63 -10.63 -14.23 38.13
C VAL F 63 -9.30 -13.47 37.90
N PRO F 64 -9.07 -12.88 36.72
CA PRO F 64 -7.95 -11.95 36.73
C PRO F 64 -8.24 -10.74 37.68
N LEU F 65 -9.47 -10.22 37.76
CA LEU F 65 -9.77 -9.17 38.77
C LEU F 65 -9.41 -9.68 40.17
N ALA F 66 -10.01 -10.80 40.57
CA ALA F 66 -9.90 -11.27 41.95
C ALA F 66 -8.46 -11.59 42.34
N HIS F 67 -7.71 -12.14 41.40
CA HIS F 67 -6.30 -12.46 41.60
C HIS F 67 -5.52 -11.22 41.91
N ALA F 68 -5.61 -10.26 41.00
CA ALA F 68 -4.89 -9.00 41.07
C ALA F 68 -5.36 -8.18 42.27
N LEU F 69 -6.64 -8.16 42.55
CA LEU F 69 -7.14 -7.54 43.76
C LEU F 69 -6.71 -8.32 45.01
N SER F 70 -6.64 -9.66 44.91
CA SER F 70 -6.04 -10.50 45.94
C SER F 70 -4.59 -10.15 46.13
N ARG F 71 -3.85 -9.92 45.04
CA ARG F 71 -2.42 -9.62 45.16
C ARG F 71 -2.24 -8.38 45.98
N ILE F 72 -2.83 -7.26 45.54
CA ILE F 72 -2.72 -5.93 46.19
C ILE F 72 -3.09 -5.85 47.70
N THR F 73 -4.05 -6.64 48.14
CA THR F 73 -4.69 -6.56 49.44
C THR F 73 -4.24 -7.66 50.45
N GLY F 74 -3.31 -8.53 50.05
CA GLY F 74 -2.92 -9.74 50.84
C GLY F 74 -4.07 -10.54 51.37
N LYS F 75 -5.12 -10.71 50.59
CA LYS F 75 -6.30 -11.48 51.06
C LYS F 75 -6.80 -12.51 50.05
N PRO F 76 -7.12 -13.73 50.53
CA PRO F 76 -7.47 -14.80 49.61
C PRO F 76 -8.77 -14.55 48.87
N TYR F 77 -8.93 -15.34 47.80
CA TYR F 77 -10.15 -15.38 47.03
C TYR F 77 -10.54 -16.78 46.67
N VAL F 78 -11.79 -16.91 46.29
CA VAL F 78 -12.45 -18.18 46.13
C VAL F 78 -13.23 -18.07 44.84
N VAL F 79 -13.14 -19.09 43.98
CA VAL F 79 -13.88 -19.02 42.74
C VAL F 79 -15.02 -20.02 42.77
N ALA F 80 -16.23 -19.51 42.92
CA ALA F 80 -17.43 -20.30 42.76
C ALA F 80 -17.64 -20.49 41.29
N ARG F 81 -18.17 -21.65 40.87
CA ARG F 81 -18.41 -21.87 39.45
C ARG F 81 -19.90 -21.95 39.10
N LYS F 82 -20.19 -21.54 37.87
CA LYS F 82 -21.52 -21.62 37.27
C LYS F 82 -21.98 -23.07 37.02
N THR F 83 -21.06 -24.04 37.07
CA THR F 83 -21.38 -25.48 37.01
C THR F 83 -20.56 -26.31 38.00
N GLU F 84 -20.87 -27.60 38.09
CA GLU F 84 -20.09 -28.52 38.88
C GLU F 84 -19.01 -28.95 37.92
N LYS F 85 -17.79 -29.10 38.40
CA LYS F 85 -16.60 -29.17 37.49
C LYS F 85 -15.94 -30.56 37.46
N PRO F 86 -15.00 -30.78 36.51
CA PRO F 86 -14.33 -32.10 36.46
C PRO F 86 -13.66 -32.47 37.79
N TYR F 87 -13.85 -33.72 38.19
CA TYR F 87 -13.33 -34.22 39.47
C TYR F 87 -13.87 -33.36 40.62
N MET F 88 -15.12 -33.66 40.98
CA MET F 88 -15.84 -33.04 42.09
C MET F 88 -16.37 -34.13 43.04
N ILE F 89 -17.08 -35.13 42.50
CA ILE F 89 -17.48 -36.35 43.26
C ILE F 89 -16.25 -37.28 43.32
N ASN F 90 -15.23 -36.81 44.01
CA ASN F 90 -13.87 -37.35 43.96
C ASN F 90 -13.07 -36.70 45.09
N PRO F 91 -11.84 -37.20 45.36
CA PRO F 91 -10.90 -36.48 46.22
C PRO F 91 -9.96 -35.57 45.40
N VAL F 92 -10.48 -34.38 45.05
CA VAL F 92 -9.72 -33.32 44.33
C VAL F 92 -10.43 -31.94 44.36
N SER F 93 -11.76 -31.95 44.11
CA SER F 93 -12.66 -30.83 44.42
C SER F 93 -13.80 -31.42 45.30
N ARG F 94 -13.42 -32.04 46.41
CA ARG F 94 -14.33 -32.88 47.21
C ARG F 94 -15.48 -32.10 47.87
N GLN F 95 -16.68 -32.66 47.76
CA GLN F 95 -17.90 -32.18 48.40
C GLN F 95 -18.32 -30.73 48.07
N VAL F 96 -18.59 -30.52 46.79
CA VAL F 96 -19.26 -29.32 46.27
C VAL F 96 -20.63 -29.03 46.94
N LEU F 97 -20.90 -27.77 47.28
CA LEU F 97 -22.22 -27.33 47.77
C LEU F 97 -22.92 -26.49 46.69
N SER F 98 -24.15 -26.88 46.32
CA SER F 98 -24.92 -26.24 45.22
C SER F 98 -26.17 -25.50 45.69
N ILE F 99 -26.48 -24.44 44.95
CA ILE F 99 -27.84 -23.85 44.91
C ILE F 99 -28.19 -23.31 43.51
N THR F 100 -29.48 -23.07 43.32
CA THR F 100 -30.01 -22.61 42.06
C THR F 100 -29.80 -21.08 41.79
N THR F 101 -30.45 -20.59 40.73
CA THR F 101 -30.72 -19.17 40.56
C THR F 101 -32.00 -19.05 39.69
N GLY F 102 -32.80 -18.00 39.91
CA GLY F 102 -34.12 -17.81 39.29
C GLY F 102 -34.24 -18.00 37.76
N LYS F 103 -33.43 -17.26 37.00
CA LYS F 103 -33.20 -17.56 35.60
C LYS F 103 -32.26 -18.74 35.62
N PRO F 104 -32.69 -19.91 35.09
CA PRO F 104 -31.97 -21.19 35.36
C PRO F 104 -30.44 -21.03 35.42
N GLN F 105 -29.88 -21.22 36.60
CA GLN F 105 -28.42 -21.17 36.81
C GLN F 105 -28.10 -21.85 38.15
N LEU F 106 -26.85 -22.25 38.32
CA LEU F 106 -26.49 -23.17 39.39
C LEU F 106 -25.11 -22.85 39.93
N LEU F 107 -25.03 -21.92 40.89
CA LEU F 107 -23.76 -21.48 41.46
C LEU F 107 -23.28 -22.49 42.48
N VAL F 108 -21.98 -22.76 42.50
CA VAL F 108 -21.43 -23.78 43.38
C VAL F 108 -20.07 -23.35 43.94
N LEU F 109 -19.81 -23.61 45.21
CA LEU F 109 -18.45 -23.50 45.80
C LEU F 109 -17.92 -24.91 46.03
N ASP F 110 -16.73 -25.21 45.52
CA ASP F 110 -15.89 -26.34 45.99
C ASP F 110 -15.99 -26.52 47.52
N GLY F 111 -16.08 -27.76 47.96
CA GLY F 111 -16.02 -28.07 49.38
C GLY F 111 -14.69 -27.74 50.03
N ALA F 112 -13.59 -27.84 49.27
CA ALA F 112 -12.27 -27.37 49.69
C ALA F 112 -12.21 -25.89 49.98
N ASP F 113 -13.19 -25.12 49.50
CA ASP F 113 -13.22 -23.66 49.67
C ASP F 113 -14.08 -23.18 50.81
N ILE F 114 -14.92 -24.04 51.37
CA ILE F 114 -15.83 -23.59 52.45
C ILE F 114 -15.10 -23.13 53.74
N PRO F 115 -13.95 -23.80 54.11
CA PRO F 115 -13.15 -23.34 55.26
C PRO F 115 -12.42 -22.00 55.15
N ARG F 116 -12.35 -21.38 53.97
CA ARG F 116 -11.71 -20.04 53.77
C ARG F 116 -12.73 -18.91 53.97
N VAL F 117 -14.01 -19.27 53.85
CA VAL F 117 -15.15 -18.34 53.90
C VAL F 117 -15.91 -18.46 55.22
N ARG F 118 -16.05 -19.67 55.74
CA ARG F 118 -16.85 -19.87 56.98
C ARG F 118 -16.38 -19.03 58.14
N GLY F 119 -17.33 -18.43 58.83
CA GLY F 119 -16.98 -17.44 59.84
C GLY F 119 -16.35 -16.12 59.39
N LYS F 120 -16.19 -15.91 58.07
CA LYS F 120 -15.40 -14.77 57.59
C LYS F 120 -16.28 -13.64 57.01
N LYS F 121 -15.84 -12.39 57.22
CA LYS F 121 -16.31 -11.25 56.41
C LYS F 121 -15.86 -11.41 54.92
N VAL F 122 -16.86 -11.76 54.09
CA VAL F 122 -16.71 -11.95 52.65
C VAL F 122 -17.02 -10.65 51.89
N ALA F 123 -16.08 -10.28 51.00
CA ALA F 123 -16.32 -9.32 49.86
C ALA F 123 -16.58 -10.05 48.55
N ILE F 124 -17.81 -9.97 48.04
CA ILE F 124 -18.17 -10.56 46.72
C ILE F 124 -17.52 -9.63 45.70
N VAL F 125 -16.95 -10.23 44.62
CA VAL F 125 -16.17 -9.47 43.60
C VAL F 125 -16.52 -10.02 42.25
N ASP F 126 -17.00 -9.16 41.34
CA ASP F 126 -17.48 -9.57 40.01
C ASP F 126 -17.02 -8.51 39.01
N ASP F 127 -16.89 -8.86 37.73
CA ASP F 127 -16.49 -7.90 36.70
C ASP F 127 -17.72 -6.96 36.49
N VAL F 128 -18.92 -7.54 36.39
CA VAL F 128 -20.15 -6.76 36.28
C VAL F 128 -21.26 -7.35 37.12
N VAL F 129 -21.79 -6.54 38.05
CA VAL F 129 -22.98 -6.87 38.82
C VAL F 129 -24.18 -6.28 38.08
N SER F 130 -24.94 -7.14 37.42
CA SER F 130 -25.92 -6.72 36.42
C SER F 130 -27.35 -6.55 37.02
N THR F 131 -28.32 -7.39 36.64
CA THR F 131 -29.70 -7.36 37.19
C THR F 131 -29.84 -7.52 38.75
N GLY F 132 -28.81 -8.03 39.42
CA GLY F 132 -28.88 -8.43 40.84
C GLY F 132 -29.41 -9.85 41.04
N SER F 133 -29.35 -10.65 39.94
CA SER F 133 -30.00 -11.99 39.85
C SER F 133 -29.18 -13.10 40.51
N THR F 134 -28.04 -13.47 39.91
CA THR F 134 -27.10 -14.40 40.57
C THR F 134 -26.47 -13.87 41.86
N LEU F 135 -26.51 -12.56 42.09
CA LEU F 135 -25.94 -12.01 43.32
C LEU F 135 -26.69 -12.51 44.57
N ALA F 136 -28.01 -12.36 44.59
CA ALA F 136 -28.82 -12.81 45.75
C ALA F 136 -28.59 -14.27 45.98
N GLY F 137 -28.69 -15.08 44.90
CA GLY F 137 -28.33 -16.51 45.00
C GLY F 137 -26.93 -16.77 45.59
N LEU F 138 -25.95 -16.03 45.08
CA LEU F 138 -24.56 -16.13 45.57
C LEU F 138 -24.48 -15.84 47.11
N ARG F 139 -25.18 -14.79 47.54
CA ARG F 139 -25.13 -14.33 48.94
C ARG F 139 -25.65 -15.38 49.93
N GLU F 140 -26.78 -15.98 49.60
CA GLU F 140 -27.39 -17.05 50.38
C GLU F 140 -26.56 -18.33 50.35
N LEU F 141 -25.92 -18.62 49.22
CA LEU F 141 -24.93 -19.71 49.13
C LEU F 141 -23.83 -19.53 50.21
N ILE F 142 -23.21 -18.36 50.21
CA ILE F 142 -22.19 -17.99 51.19
C ILE F 142 -22.75 -18.05 52.61
N GLU F 143 -23.97 -17.54 52.83
CA GLU F 143 -24.57 -17.51 54.19
C GLU F 143 -25.02 -18.89 54.71
N SER F 144 -25.24 -19.85 53.80
CA SER F 144 -25.49 -21.25 54.13
C SER F 144 -24.20 -22.06 54.32
N VAL F 145 -23.08 -21.46 53.95
CA VAL F 145 -21.72 -22.03 54.04
C VAL F 145 -21.00 -21.57 55.33
N GLY F 146 -21.56 -20.58 56.03
CA GLY F 146 -20.86 -19.92 57.14
C GLY F 146 -20.67 -18.43 57.04
N GLY F 147 -20.68 -17.92 55.82
CA GLY F 147 -20.04 -16.63 55.49
C GLY F 147 -20.92 -15.41 55.68
N GLU F 148 -20.29 -14.29 56.03
CA GLU F 148 -20.95 -13.02 56.33
C GLU F 148 -20.57 -12.06 55.18
N VAL F 149 -21.51 -11.80 54.27
CA VAL F 149 -21.23 -10.90 53.13
C VAL F 149 -21.28 -9.46 53.64
N VAL F 150 -20.11 -8.81 53.64
CA VAL F 150 -19.97 -7.43 54.14
C VAL F 150 -19.93 -6.40 53.02
N ALA F 151 -19.37 -6.74 51.87
CA ALA F 151 -19.12 -5.77 50.79
C ALA F 151 -19.17 -6.45 49.45
N VAL F 152 -19.81 -5.82 48.48
CA VAL F 152 -19.85 -6.34 47.13
C VAL F 152 -19.11 -5.33 46.28
N LEU F 153 -18.11 -5.77 45.51
CA LEU F 153 -17.36 -4.83 44.65
C LEU F 153 -17.31 -5.31 43.23
N ALA F 154 -17.32 -4.35 42.29
CA ALA F 154 -17.26 -4.66 40.88
C ALA F 154 -16.54 -3.60 40.03
N VAL F 155 -16.27 -3.94 38.78
CA VAL F 155 -15.79 -2.99 37.80
C VAL F 155 -16.98 -2.02 37.53
N PHE F 156 -18.08 -2.62 37.08
CA PHE F 156 -19.25 -1.91 36.61
C PHE F 156 -20.52 -2.50 37.21
N THR F 157 -21.52 -1.63 37.35
CA THR F 157 -22.92 -2.02 37.50
C THR F 157 -23.68 -1.95 36.13
N GLU F 158 -24.89 -2.50 36.06
CA GLU F 158 -25.71 -2.44 34.84
C GLU F 158 -27.21 -2.60 35.13
N GLY F 159 -28.04 -1.62 34.72
CA GLY F 159 -29.45 -1.51 35.16
C GLY F 159 -29.66 -1.26 36.66
N THR F 160 -30.81 -1.67 37.18
CA THR F 160 -31.30 -1.21 38.49
C THR F 160 -31.69 -2.41 39.38
N PRO F 161 -30.71 -3.01 40.11
CA PRO F 161 -30.97 -4.21 40.92
C PRO F 161 -31.60 -3.95 42.30
N ARG F 162 -31.90 -5.03 43.03
CA ARG F 162 -32.32 -4.96 44.44
C ARG F 162 -31.17 -4.96 45.48
N GLN F 163 -29.93 -5.07 45.01
CA GLN F 163 -28.72 -5.09 45.85
C GLN F 163 -27.73 -3.98 45.39
N ASP F 164 -27.23 -3.19 46.36
CA ASP F 164 -26.21 -2.14 46.11
C ASP F 164 -24.76 -2.70 46.06
N VAL F 165 -23.89 -1.98 45.36
CA VAL F 165 -22.57 -2.46 44.97
C VAL F 165 -21.54 -1.33 45.20
N VAL F 166 -20.26 -1.65 45.18
CA VAL F 166 -19.22 -0.65 44.99
C VAL F 166 -18.46 -0.94 43.65
N ALA F 167 -18.80 -0.14 42.64
CA ALA F 167 -18.21 -0.21 41.31
C ALA F 167 -17.47 1.08 41.11
N LEU F 168 -16.56 1.19 40.13
CA LEU F 168 -16.24 2.54 39.64
C LEU F 168 -17.44 3.07 38.80
N GLY F 169 -17.66 2.47 37.63
CA GLY F 169 -18.68 2.91 36.70
C GLY F 169 -20.03 2.26 36.76
N HIS F 170 -20.85 2.64 35.81
CA HIS F 170 -22.14 2.04 35.57
C HIS F 170 -22.41 2.03 34.07
N LEU F 171 -22.93 0.91 33.57
CA LEU F 171 -23.26 0.74 32.17
C LEU F 171 -24.77 0.71 32.05
N PRO F 172 -25.34 1.35 31.02
CA PRO F 172 -26.69 0.99 30.67
C PRO F 172 -26.70 -0.40 30.03
#